data_8JXV
#
_entry.id   8JXV
#
loop_
_entity.id
_entity.type
_entity.pdbx_description
1 polymer 'Guanine nucleotide-binding protein G(i) subunit alpha-1'
2 polymer 'Guanine nucleotide-binding protein G(I)/G(S)/G(T) subunit beta-1'
3 polymer 'Guanine nucleotide-binding protein G(I)/G(S)/G(O) subunit gamma-2'
4 polymer scFv16
5 polymer 'Histamine H4 receptor'
6 non-polymer Clozapine
#
loop_
_entity_poly.entity_id
_entity_poly.type
_entity_poly.pdbx_seq_one_letter_code
_entity_poly.pdbx_strand_id
1 'polypeptide(L)'
;MGCTLSAEDKAAVERSKMIDRNLREDGEKAAREVKLLLLGAGESGKSTIVKQMKIIHEAGYSEEECKQYKAVVYSNTIQS
IIAIIRAMGRLKIDFGDSARADDARQLFVLAGAAEEGFMTAELAGVIKRLWKDSGVQACFNRSREYQLNDSAAYYLNDLD
RIAQPNYIPTQQDVLRTRVKTTGIVETHFTFKDLHFKMFDVGAQRSERKKWIHCFEGVTAIIFCVALSDYDLVLAEDEEM
NRMHESMKLFDSICNNKWFTDTSIILFLNKKDLFEEKIKKSPLTICYPEYAGSNTYEEAAAYIQCQFEDLNKRKDTKEIY
THFTCSTDTKNVQFVFDAVTDVIIKNNLKDCGLF
;
B
2 'polypeptide(L)'
;MGSLLQSELDQLRQEAEQLKNQIRDARKACADATLSQITNNIDPVGRIQMRTRRTLRGHLAKIYAMHWGTDSRLLVSASQ
DGKLIIWDSYTTNKVHAIPLRSSWVMTCAYAPSGNYVACGGLDNICSIYNLKTREGNVRVSRELAGHTGYLSCCRFLDDN
QIVTSSGDTTCALWDIETGQQTTTFTGHTGDVMSLSLAPDTRLFVSGACDASAKLWDVREGMCRQTFTGHESDINAICFF
PNGNAFATGSDDATCRLFDLRADQELMTYSHDNIICGITSVSFSKSGRLLLAGYDDFNCNVWDALKADRAGVLAGHDNRV
SCLGVTDDGMAVATGSWDSFLKIWN
;
C
3 'polypeptide(L)' MASNNTASIAQARKLVEQLKMEANIDRIKVSKAAADLMAYCEAHAKEDPLLTPVPASENPFREKKFFCAIL D
4 'polypeptide(L)'
;VQLVESGGGLVQPGGSRKLSCSASGFAFSSFGMHWVRQAPEKGLEWVAYISSGSGTIYYADTVKGRFTISRDDPKNTLFL
QMTSLRSEDTAMYYCVRSIYYYGSSPFDFWGQGTTLTVSAGGGGSGGGGSGGGGSADIVMTQATSSVPVTPGESVSISCR
SSKSLLHSNGNTYLYWFLQRPGQSPQLLIYRMSNLASGVPDRFSGSGSGTAFTLTISRLEAEDVGVYYCMQHLEYPLTFG
AGTKLEL
;
E
5 'polypeptide(L)'
;MPDTNSTINLSLSTRVTLAFFMSLVAFAIMLGNALVILAFVVDKNLRHRSSYFFLNLAISDFFVGVISIPLYIPHTLFEW
DFGKEICVFWLTTDYLLCTASVYNIVLISYDRYLSVSNAVSYRTQHTGVLKIVTLMVAVWVLAFLVNGPMILVSESWKDE
GSECEPGFFSEWYILAITSFLEFVIPVILVAYFNMNIYWSLWKRDHLSRCQSHPGLTAVSSNICGHSFRGRLSSRRSLSA
STEVPASFHSERQRRKSSLMFSSRTKMNSNTIASKMGSFSQSDSVALHQREHVELLRARRLAKSLAILLGVFAVCWAPYS
LFTIVLSFYSSATGPKSVWYRIAFWLQWFNSFVNPLLYPLCHKRFQKAFLKIFCIKKQPLPSQHSRSVSS
;
R
#
loop_
_chem_comp.id
_chem_comp.type
_chem_comp.name
_chem_comp.formula
VBU non-polymer Clozapine 'C18 H19 Cl N4'
#
# COMPACT_ATOMS: atom_id res chain seq x y z
N CYS A 3 5.67 1.29 28.50
CA CYS A 3 5.19 0.34 27.50
C CYS A 3 3.97 -0.40 28.02
N THR A 4 2.94 -0.51 27.17
CA THR A 4 1.68 -1.11 27.58
C THR A 4 1.39 -2.32 26.69
N LEU A 5 2.39 -3.20 26.55
CA LEU A 5 2.26 -4.38 25.71
C LEU A 5 2.61 -5.62 26.53
N SER A 6 2.11 -6.76 26.08
CA SER A 6 2.45 -8.05 26.67
C SER A 6 3.69 -8.60 25.98
N ALA A 7 4.07 -9.83 26.31
CA ALA A 7 5.29 -10.40 25.74
C ALA A 7 5.11 -10.76 24.27
N GLU A 8 3.88 -10.86 23.79
CA GLU A 8 3.58 -11.35 22.46
C GLU A 8 3.09 -10.28 21.49
N ASP A 9 2.62 -9.14 22.01
CA ASP A 9 2.27 -8.04 21.12
C ASP A 9 3.50 -7.52 20.38
N LYS A 10 4.68 -7.67 20.97
CA LYS A 10 5.91 -7.35 20.26
C LYS A 10 6.05 -8.22 19.02
N ALA A 11 5.76 -9.51 19.14
CA ALA A 11 5.83 -10.39 17.98
C ALA A 11 4.75 -10.07 16.96
N ALA A 12 3.57 -9.66 17.42
CA ALA A 12 2.55 -9.19 16.49
C ALA A 12 3.05 -8.00 15.68
N VAL A 13 3.69 -7.04 16.34
CA VAL A 13 4.23 -5.87 15.65
C VAL A 13 5.29 -6.29 14.65
N GLU A 14 6.17 -7.22 15.05
CA GLU A 14 7.20 -7.67 14.12
C GLU A 14 6.57 -8.31 12.88
N ARG A 15 5.51 -9.11 13.06
CA ARG A 15 4.82 -9.71 11.92
C ARG A 15 4.28 -8.64 10.97
N SER A 16 3.65 -7.61 11.52
CA SER A 16 3.16 -6.53 10.67
C SER A 16 4.30 -5.87 9.90
N LYS A 17 5.47 -5.70 10.54
CA LYS A 17 6.60 -5.09 9.86
C LYS A 17 7.08 -5.94 8.69
N MET A 18 7.18 -7.27 8.88
CA MET A 18 7.55 -8.11 7.74
C MET A 18 6.54 -7.99 6.60
N ILE A 19 5.25 -7.96 6.93
CA ILE A 19 4.25 -7.88 5.87
C ILE A 19 4.39 -6.57 5.09
N ASP A 20 4.64 -5.47 5.81
CA ASP A 20 4.83 -4.18 5.14
C ASP A 20 6.05 -4.20 4.21
N ARG A 21 7.15 -4.78 4.67
CA ARG A 21 8.33 -4.86 3.82
C ARG A 21 8.03 -5.66 2.54
N ASN A 22 7.33 -6.78 2.69
CA ASN A 22 7.01 -7.61 1.52
C ASN A 22 6.12 -6.86 0.53
N LEU A 23 5.11 -6.16 1.04
CA LEU A 23 4.25 -5.39 0.15
C LEU A 23 5.04 -4.34 -0.62
N ARG A 24 5.90 -3.61 0.08
CA ARG A 24 6.68 -2.56 -0.60
C ARG A 24 7.59 -3.14 -1.67
N GLU A 25 8.25 -4.26 -1.36
CA GLU A 25 9.13 -4.89 -2.34
C GLU A 25 8.35 -5.34 -3.57
N ASP A 26 7.16 -5.94 -3.36
CA ASP A 26 6.37 -6.38 -4.49
C ASP A 26 5.92 -5.21 -5.35
N GLY A 27 5.54 -4.09 -4.71
CA GLY A 27 5.17 -2.91 -5.48
C GLY A 27 6.31 -2.35 -6.31
N GLU A 28 7.51 -2.32 -5.72
CA GLU A 28 8.69 -1.90 -6.48
C GLU A 28 8.94 -2.83 -7.66
N LYS A 29 8.75 -4.14 -7.46
CA LYS A 29 8.94 -5.09 -8.55
C LYS A 29 7.93 -4.88 -9.67
N ALA A 30 6.68 -4.61 -9.31
CA ALA A 30 5.59 -4.52 -10.28
C ALA A 30 5.34 -3.12 -10.80
N ALA A 31 6.12 -2.13 -10.39
CA ALA A 31 5.90 -0.76 -10.81
C ALA A 31 6.82 -0.32 -11.95
N ARG A 32 7.61 -1.23 -12.50
CA ARG A 32 8.53 -0.87 -13.57
C ARG A 32 8.36 -1.78 -14.77
N GLU A 33 7.12 -1.99 -15.19
CA GLU A 33 6.82 -2.79 -16.37
C GLU A 33 5.93 -1.99 -17.30
N VAL A 34 6.07 -2.25 -18.60
CA VAL A 34 5.32 -1.49 -19.62
C VAL A 34 4.08 -2.29 -19.98
N LYS A 35 2.92 -1.70 -19.73
CA LYS A 35 1.63 -2.35 -19.93
C LYS A 35 0.99 -1.77 -21.19
N LEU A 36 0.88 -2.60 -22.23
CA LEU A 36 0.31 -2.21 -23.51
C LEU A 36 -1.03 -2.91 -23.70
N LEU A 37 -2.01 -2.18 -24.24
CA LEU A 37 -3.33 -2.74 -24.47
C LEU A 37 -3.58 -2.85 -25.97
N LEU A 38 -3.98 -4.04 -26.44
CA LEU A 38 -4.09 -4.28 -27.88
C LEU A 38 -5.56 -4.33 -28.28
N LEU A 39 -5.91 -3.58 -29.32
CA LEU A 39 -7.29 -3.46 -29.79
C LEU A 39 -7.32 -3.52 -31.31
N GLY A 40 -8.46 -3.96 -31.84
CA GLY A 40 -8.62 -4.11 -33.27
C GLY A 40 -10.06 -4.31 -33.68
N ILE A 49 0.22 -10.21 -35.56
CA ILE A 49 0.87 -9.43 -34.52
C ILE A 49 1.17 -10.30 -33.32
N VAL A 50 0.20 -11.09 -32.90
CA VAL A 50 0.35 -11.97 -31.74
C VAL A 50 1.35 -13.07 -32.05
N THR A 182 -11.66 -17.38 -22.47
CA THR A 182 -12.65 -16.36 -22.16
C THR A 182 -12.12 -15.39 -21.10
N GLY A 183 -12.53 -14.14 -21.19
CA GLY A 183 -12.02 -13.10 -20.32
C GLY A 183 -10.73 -12.50 -20.87
N ILE A 184 -10.01 -11.82 -19.97
CA ILE A 184 -8.77 -11.18 -20.37
C ILE A 184 -7.76 -12.24 -20.77
N VAL A 185 -7.11 -12.03 -21.91
CA VAL A 185 -6.02 -12.89 -22.36
C VAL A 185 -4.74 -12.10 -22.17
N GLU A 186 -3.99 -12.45 -21.13
CA GLU A 186 -2.77 -11.74 -20.80
C GLU A 186 -1.59 -12.39 -21.50
N THR A 187 -0.69 -11.56 -22.04
CA THR A 187 0.51 -12.07 -22.71
C THR A 187 1.71 -11.32 -22.16
N HIS A 188 2.78 -12.07 -21.88
CA HIS A 188 4.00 -11.51 -21.33
C HIS A 188 5.16 -11.78 -22.27
N PHE A 189 6.03 -10.80 -22.44
CA PHE A 189 7.29 -11.06 -23.12
C PHE A 189 8.31 -10.01 -22.71
N THR A 190 9.55 -10.23 -23.13
CA THR A 190 10.68 -9.40 -22.73
C THR A 190 11.48 -8.99 -23.95
N PHE A 191 11.94 -7.74 -23.96
CA PHE A 191 12.73 -7.21 -25.06
C PHE A 191 13.60 -6.08 -24.53
N LYS A 192 14.91 -6.20 -24.73
CA LYS A 192 15.89 -5.17 -24.39
C LYS A 192 15.68 -4.66 -22.96
N ASP A 193 15.84 -5.58 -22.00
CA ASP A 193 15.72 -5.29 -20.57
C ASP A 193 14.35 -4.73 -20.21
N LEU A 194 13.36 -4.86 -21.08
CA LEU A 194 12.04 -4.29 -20.84
C LEU A 194 11.01 -5.41 -20.79
N HIS A 195 10.05 -5.27 -19.88
CA HIS A 195 9.02 -6.27 -19.65
C HIS A 195 7.70 -5.73 -20.22
N PHE A 196 7.26 -6.32 -21.33
CA PHE A 196 6.02 -5.94 -21.98
C PHE A 196 4.91 -6.88 -21.50
N LYS A 197 3.88 -6.30 -20.91
CA LYS A 197 2.66 -7.01 -20.57
C LYS A 197 1.57 -6.50 -21.49
N MET A 198 1.20 -7.31 -22.48
CA MET A 198 0.19 -6.93 -23.44
C MET A 198 -1.13 -7.59 -23.10
N PHE A 199 -2.21 -6.85 -23.28
CA PHE A 199 -3.54 -7.35 -22.97
C PHE A 199 -4.29 -7.55 -24.27
N ASP A 200 -4.55 -8.83 -24.60
CA ASP A 200 -5.46 -9.21 -25.66
C ASP A 200 -6.83 -9.34 -25.04
N VAL A 201 -7.72 -8.40 -25.35
CA VAL A 201 -8.97 -8.27 -24.62
C VAL A 201 -10.15 -8.43 -25.57
N GLY A 202 -9.87 -8.93 -26.76
CA GLY A 202 -10.90 -9.09 -27.77
C GLY A 202 -11.88 -10.20 -27.54
N ALA A 203 -11.73 -10.96 -26.46
CA ALA A 203 -12.63 -12.06 -26.15
C ALA A 203 -13.85 -11.63 -25.33
N GLN A 204 -13.88 -10.39 -24.84
CA GLN A 204 -15.02 -9.92 -24.07
C GLN A 204 -16.16 -9.52 -25.00
N ARG A 205 -17.37 -9.89 -24.61
CA ARG A 205 -18.56 -9.64 -25.41
C ARG A 205 -19.45 -8.55 -24.83
N SER A 206 -18.87 -7.54 -24.20
CA SER A 206 -19.62 -6.43 -23.63
C SER A 206 -18.97 -5.11 -24.01
N GLU A 207 -19.64 -4.01 -23.66
CA GLU A 207 -19.16 -2.69 -23.99
C GLU A 207 -17.94 -2.33 -23.16
N ARG A 208 -17.41 -1.13 -23.41
CA ARG A 208 -16.18 -0.69 -22.79
C ARG A 208 -16.38 0.33 -21.67
N LYS A 209 -17.58 0.87 -21.51
CA LYS A 209 -17.79 1.93 -20.52
C LYS A 209 -17.52 1.43 -19.09
N LYS A 210 -18.01 0.25 -18.75
CA LYS A 210 -17.85 -0.31 -17.41
C LYS A 210 -16.64 -1.24 -17.30
N TRP A 211 -15.73 -1.16 -18.25
CA TRP A 211 -14.67 -2.15 -18.40
C TRP A 211 -13.30 -1.59 -18.74
N ILE A 212 -13.18 -0.38 -19.29
CA ILE A 212 -11.89 0.09 -19.81
C ILE A 212 -11.09 0.92 -18.82
N HIS A 213 -11.76 1.57 -17.85
CA HIS A 213 -11.06 2.50 -16.96
C HIS A 213 -10.02 1.81 -16.08
N CYS A 214 -10.07 0.49 -15.95
CA CYS A 214 -9.05 -0.24 -15.23
C CYS A 214 -7.71 -0.27 -15.97
N PHE A 215 -7.63 0.30 -17.17
CA PHE A 215 -6.39 0.40 -17.92
C PHE A 215 -5.83 1.82 -17.94
N GLU A 216 -6.15 2.63 -16.92
CA GLU A 216 -5.78 4.04 -16.92
C GLU A 216 -4.29 4.26 -17.10
N GLY A 217 -3.46 3.42 -16.48
CA GLY A 217 -2.05 3.66 -16.39
C GLY A 217 -1.20 3.05 -17.48
N VAL A 218 -1.80 2.59 -18.57
CA VAL A 218 -1.04 1.91 -19.60
C VAL A 218 -0.05 2.88 -20.25
N THR A 219 1.05 2.33 -20.75
CA THR A 219 1.95 3.15 -21.56
C THR A 219 1.31 3.49 -22.89
N ALA A 220 0.76 2.50 -23.60
CA ALA A 220 0.31 2.73 -24.96
C ALA A 220 -0.72 1.69 -25.39
N ILE A 221 -1.36 2.02 -26.51
CA ILE A 221 -2.41 1.21 -27.13
C ILE A 221 -1.92 0.80 -28.50
N ILE A 222 -2.00 -0.49 -28.80
CA ILE A 222 -1.81 -0.98 -30.16
C ILE A 222 -3.17 -1.04 -30.83
N PHE A 223 -3.25 -0.53 -32.06
CA PHE A 223 -4.48 -0.52 -32.84
C PHE A 223 -4.23 -1.21 -34.16
N CYS A 224 -5.04 -2.21 -34.48
CA CYS A 224 -4.84 -3.01 -35.69
C CYS A 224 -6.10 -3.01 -36.54
N VAL A 225 -5.97 -2.57 -37.79
CA VAL A 225 -7.05 -2.58 -38.77
C VAL A 225 -6.48 -2.93 -40.13
N ALA A 226 -7.37 -3.20 -41.07
CA ALA A 226 -7.01 -3.64 -42.41
C ALA A 226 -7.35 -2.57 -43.44
N LEU A 227 -6.76 -2.72 -44.63
CA LEU A 227 -7.02 -1.83 -45.75
C LEU A 227 -7.79 -2.52 -46.86
N SER A 228 -7.68 -3.84 -46.95
CA SER A 228 -8.29 -4.57 -48.05
C SER A 228 -9.82 -4.56 -47.97
N ASP A 229 -10.39 -4.34 -46.79
CA ASP A 229 -11.83 -4.40 -46.60
C ASP A 229 -12.48 -3.02 -46.61
N TYR A 230 -11.95 -2.08 -47.38
CA TYR A 230 -12.53 -0.75 -47.44
C TYR A 230 -13.91 -0.75 -48.11
N ASP A 231 -14.13 -1.67 -49.05
CA ASP A 231 -15.35 -1.70 -49.84
C ASP A 231 -16.34 -2.78 -49.43
N LEU A 232 -15.92 -3.74 -48.59
CA LEU A 232 -16.78 -4.84 -48.21
C LEU A 232 -17.90 -4.35 -47.29
N VAL A 233 -19.10 -4.19 -47.84
CA VAL A 233 -20.25 -3.82 -47.04
C VAL A 233 -20.63 -5.01 -46.17
N LEU A 234 -20.77 -4.79 -44.87
CA LEU A 234 -21.09 -5.85 -43.94
C LEU A 234 -22.59 -5.91 -43.67
N ASN A 241 -19.90 -0.33 -44.56
CA ASN A 241 -18.81 -1.30 -44.73
C ASN A 241 -17.92 -1.37 -43.49
N ARG A 242 -16.62 -1.64 -43.69
CA ARG A 242 -15.73 -1.83 -42.55
C ARG A 242 -14.91 -0.59 -42.23
N MET A 243 -14.64 0.27 -43.21
CA MET A 243 -13.89 1.49 -42.94
C MET A 243 -14.66 2.41 -41.99
N HIS A 244 -15.98 2.51 -42.17
CA HIS A 244 -16.77 3.35 -41.27
C HIS A 244 -16.71 2.83 -39.84
N GLU A 245 -16.80 1.51 -39.67
CA GLU A 245 -16.71 0.94 -38.33
C GLU A 245 -15.34 1.19 -37.70
N SER A 246 -14.26 0.98 -38.47
CA SER A 246 -12.93 1.21 -37.93
C SER A 246 -12.72 2.67 -37.57
N MET A 247 -13.19 3.59 -38.42
CA MET A 247 -13.04 5.01 -38.15
C MET A 247 -13.82 5.41 -36.91
N LYS A 248 -15.04 4.89 -36.76
CA LYS A 248 -15.81 5.19 -35.55
C LYS A 248 -15.12 4.68 -34.31
N LEU A 249 -14.56 3.47 -34.38
CA LEU A 249 -13.83 2.92 -33.24
C LEU A 249 -12.62 3.79 -32.90
N PHE A 250 -11.85 4.20 -33.91
CA PHE A 250 -10.67 5.02 -33.65
C PHE A 250 -11.04 6.38 -33.08
N ASP A 251 -12.09 7.01 -33.60
CA ASP A 251 -12.51 8.29 -33.05
C ASP A 251 -12.96 8.13 -31.60
N SER A 252 -13.68 7.06 -31.29
CA SER A 252 -14.10 6.84 -29.91
C SER A 252 -12.90 6.64 -29.00
N ILE A 253 -11.90 5.89 -29.46
CA ILE A 253 -10.76 5.56 -28.62
C ILE A 253 -9.84 6.76 -28.41
N CYS A 254 -9.51 7.47 -29.50
CA CYS A 254 -8.48 8.49 -29.42
C CYS A 254 -8.94 9.70 -28.61
N ASN A 255 -10.21 10.09 -28.74
CA ASN A 255 -10.74 11.25 -28.05
C ASN A 255 -11.41 10.89 -26.73
N ASN A 256 -10.98 9.82 -26.09
CA ASN A 256 -11.54 9.44 -24.80
C ASN A 256 -10.65 9.98 -23.68
N LYS A 257 -11.27 10.31 -22.55
CA LYS A 257 -10.57 11.04 -21.51
C LYS A 257 -9.47 10.21 -20.84
N TRP A 258 -9.71 8.91 -20.65
CA TRP A 258 -8.73 8.10 -19.91
C TRP A 258 -7.38 8.10 -20.58
N PHE A 259 -7.33 8.29 -21.90
CA PHE A 259 -6.09 8.26 -22.68
C PHE A 259 -5.71 9.66 -23.17
N THR A 260 -5.90 10.67 -22.32
CA THR A 260 -5.57 12.04 -22.71
C THR A 260 -4.09 12.19 -23.02
N ASP A 261 -3.23 11.73 -22.11
CA ASP A 261 -1.80 11.78 -22.30
C ASP A 261 -1.25 10.51 -22.93
N THR A 262 -2.10 9.54 -23.24
CA THR A 262 -1.66 8.24 -23.73
C THR A 262 -1.62 8.25 -25.24
N SER A 263 -0.43 8.01 -25.80
CA SER A 263 -0.28 7.95 -27.25
C SER A 263 -1.02 6.73 -27.80
N ILE A 264 -0.99 6.57 -29.12
CA ILE A 264 -1.65 5.46 -29.79
C ILE A 264 -0.78 4.99 -30.93
N ILE A 265 -0.47 3.71 -30.97
CA ILE A 265 0.15 3.09 -32.14
C ILE A 265 -0.96 2.53 -33.01
N LEU A 266 -0.84 2.73 -34.33
CA LEU A 266 -1.88 2.34 -35.27
C LEU A 266 -1.25 1.53 -36.39
N PHE A 267 -1.85 0.37 -36.67
CA PHE A 267 -1.39 -0.51 -37.73
C PHE A 267 -2.43 -0.64 -38.83
N LEU A 268 -1.94 -0.75 -40.06
CA LEU A 268 -2.75 -1.05 -41.23
C LEU A 268 -2.17 -2.30 -41.87
N ASN A 269 -3.00 -3.33 -42.05
CA ASN A 269 -2.53 -4.60 -42.58
C ASN A 269 -3.40 -5.05 -43.74
N LYS A 270 -3.11 -6.25 -44.25
CA LYS A 270 -3.76 -6.80 -45.43
C LYS A 270 -3.60 -5.86 -46.63
N LYS A 271 -2.39 -5.32 -46.78
CA LYS A 271 -2.11 -4.33 -47.81
C LYS A 271 -1.96 -4.97 -49.19
N ASP A 272 -1.49 -6.22 -49.27
CA ASP A 272 -1.33 -6.85 -50.57
C ASP A 272 -2.67 -7.10 -51.26
N LEU A 273 -3.68 -7.51 -50.48
CA LEU A 273 -5.01 -7.71 -51.05
C LEU A 273 -5.57 -6.37 -51.53
N PHE A 274 -5.32 -5.31 -50.78
CA PHE A 274 -5.72 -3.97 -51.23
C PHE A 274 -5.02 -3.60 -52.53
N GLU A 275 -3.72 -3.89 -52.64
CA GLU A 275 -2.96 -3.55 -53.82
C GLU A 275 -3.46 -4.29 -55.05
N GLU A 276 -3.79 -5.57 -54.89
CA GLU A 276 -4.35 -6.30 -56.03
C GLU A 276 -5.77 -5.87 -56.32
N LYS A 277 -6.52 -5.46 -55.30
CA LYS A 277 -7.89 -5.00 -55.51
C LYS A 277 -7.94 -3.73 -56.34
N ILE A 278 -7.08 -2.76 -56.00
CA ILE A 278 -7.14 -1.47 -56.69
C ILE A 278 -6.79 -1.59 -58.17
N LYS A 279 -6.23 -2.73 -58.59
CA LYS A 279 -5.96 -2.94 -60.00
C LYS A 279 -7.25 -2.95 -60.81
N LYS A 280 -8.31 -3.56 -60.28
CA LYS A 280 -9.61 -3.57 -60.93
C LYS A 280 -10.71 -2.94 -60.08
N SER A 281 -10.46 -2.66 -58.81
CA SER A 281 -11.45 -2.06 -57.90
C SER A 281 -10.81 -0.84 -57.25
N PRO A 282 -10.81 0.30 -57.92
CA PRO A 282 -10.19 1.50 -57.36
C PRO A 282 -10.98 2.02 -56.16
N LEU A 283 -10.39 3.00 -55.48
CA LEU A 283 -11.00 3.59 -54.30
C LEU A 283 -12.23 4.43 -54.62
N THR A 284 -12.51 4.71 -55.91
CA THR A 284 -13.68 5.47 -56.27
C THR A 284 -14.97 4.84 -55.78
N ILE A 285 -14.98 3.52 -55.56
CA ILE A 285 -16.15 2.86 -55.00
C ILE A 285 -16.41 3.33 -53.57
N CYS A 286 -15.35 3.55 -52.80
CA CYS A 286 -15.48 3.99 -51.42
C CYS A 286 -15.10 5.45 -51.20
N TYR A 287 -14.31 6.04 -52.09
CA TYR A 287 -13.92 7.44 -52.00
C TYR A 287 -14.22 8.12 -53.34
N PRO A 288 -15.48 8.48 -53.58
CA PRO A 288 -15.81 9.21 -54.81
C PRO A 288 -15.07 10.53 -54.95
N GLU A 289 -14.79 11.21 -53.84
CA GLU A 289 -14.05 12.46 -53.87
C GLU A 289 -12.58 12.28 -54.16
N TYR A 290 -12.07 11.05 -54.09
CA TYR A 290 -10.66 10.80 -54.37
C TYR A 290 -10.37 11.01 -55.85
N ALA A 291 -9.25 11.67 -56.13
CA ALA A 291 -8.83 11.99 -57.49
C ALA A 291 -7.35 11.70 -57.69
N GLY A 292 -6.91 10.52 -57.23
CA GLY A 292 -5.52 10.14 -57.31
C GLY A 292 -5.26 9.10 -58.39
N SER A 293 -3.97 8.84 -58.60
CA SER A 293 -3.56 7.86 -59.61
C SER A 293 -3.88 6.45 -59.15
N ASN A 294 -4.05 5.55 -60.13
CA ASN A 294 -4.40 4.16 -59.87
C ASN A 294 -3.15 3.39 -59.44
N THR A 295 -2.54 3.84 -58.36
CA THR A 295 -1.38 3.20 -57.77
C THR A 295 -1.58 3.11 -56.26
N TYR A 296 -0.87 2.17 -55.65
CA TYR A 296 -1.07 1.90 -54.23
C TYR A 296 -0.62 3.07 -53.37
N GLU A 297 0.44 3.78 -53.79
CA GLU A 297 1.07 4.76 -52.92
C GLU A 297 0.16 5.94 -52.62
N GLU A 298 -0.45 6.53 -53.66
CA GLU A 298 -1.31 7.69 -53.45
C GLU A 298 -2.52 7.33 -52.61
N ALA A 299 -3.18 6.21 -52.93
CA ALA A 299 -4.34 5.78 -52.15
C ALA A 299 -3.97 5.48 -50.71
N ALA A 300 -2.84 4.80 -50.50
CA ALA A 300 -2.42 4.46 -49.15
C ALA A 300 -2.13 5.71 -48.34
N ALA A 301 -1.47 6.69 -48.95
CA ALA A 301 -1.23 7.95 -48.25
C ALA A 301 -2.55 8.65 -47.95
N TYR A 302 -3.51 8.55 -48.87
CA TYR A 302 -4.82 9.15 -48.63
C TYR A 302 -5.48 8.55 -47.40
N ILE A 303 -5.47 7.22 -47.30
CA ILE A 303 -6.11 6.55 -46.17
C ILE A 303 -5.37 6.88 -44.88
N GLN A 304 -4.03 6.88 -44.93
CA GLN A 304 -3.24 7.17 -43.74
C GLN A 304 -3.54 8.56 -43.20
N CYS A 305 -3.55 9.55 -44.08
CA CYS A 305 -3.87 10.91 -43.63
C CYS A 305 -5.33 10.99 -43.19
N GLN A 306 -6.21 10.20 -43.79
CA GLN A 306 -7.61 10.20 -43.38
C GLN A 306 -7.75 9.78 -41.92
N PHE A 307 -7.11 8.67 -41.53
CA PHE A 307 -7.15 8.29 -40.12
C PHE A 307 -6.39 9.27 -39.23
N GLU A 308 -5.22 9.75 -39.67
CA GLU A 308 -4.41 10.58 -38.79
C GLU A 308 -4.97 11.99 -38.60
N ASP A 309 -5.86 12.44 -39.49
CA ASP A 309 -6.47 13.75 -39.32
C ASP A 309 -7.58 13.75 -38.27
N LEU A 310 -7.81 12.62 -37.60
CA LEU A 310 -8.83 12.51 -36.57
C LEU A 310 -8.30 12.88 -35.19
N ASN A 311 -7.02 13.21 -35.08
CA ASN A 311 -6.41 13.54 -33.79
C ASN A 311 -6.82 14.94 -33.37
N LYS A 312 -7.43 15.05 -32.19
CA LYS A 312 -7.82 16.33 -31.62
C LYS A 312 -6.90 16.79 -30.50
N ARG A 313 -5.82 16.05 -30.24
CA ARG A 313 -4.89 16.30 -29.15
C ARG A 313 -3.47 16.41 -29.68
N LYS A 314 -3.30 17.26 -30.69
CA LYS A 314 -2.07 17.25 -31.48
C LYS A 314 -0.84 17.62 -30.66
N ASP A 315 -0.99 18.41 -29.60
CA ASP A 315 0.15 18.88 -28.83
C ASP A 315 0.41 18.05 -27.57
N THR A 316 -0.36 16.99 -27.33
CA THR A 316 -0.16 16.15 -26.16
C THR A 316 0.25 14.73 -26.52
N LYS A 317 -0.43 14.09 -27.47
CA LYS A 317 -0.10 12.74 -27.91
C LYS A 317 -0.04 12.70 -29.43
N GLU A 318 0.85 11.89 -29.95
CA GLU A 318 0.97 11.65 -31.37
C GLU A 318 0.33 10.31 -31.74
N ILE A 319 0.39 9.99 -33.03
CA ILE A 319 0.03 8.68 -33.55
C ILE A 319 1.18 8.19 -34.40
N TYR A 320 1.61 6.96 -34.18
CA TYR A 320 2.73 6.38 -34.90
C TYR A 320 2.15 5.33 -35.85
N THR A 321 1.89 5.74 -37.09
CA THR A 321 1.29 4.87 -38.09
C THR A 321 2.38 4.07 -38.80
N HIS A 322 2.15 2.78 -38.98
CA HIS A 322 3.07 1.89 -39.67
C HIS A 322 2.27 0.85 -40.43
N PHE A 323 2.73 0.55 -41.65
CA PHE A 323 2.08 -0.45 -42.50
C PHE A 323 2.53 -1.83 -42.04
N THR A 324 1.57 -2.67 -41.66
CA THR A 324 1.90 -3.97 -41.10
C THR A 324 2.49 -4.87 -42.17
N CYS A 325 3.63 -5.50 -41.86
CA CYS A 325 4.31 -6.36 -42.82
C CYS A 325 4.43 -7.78 -42.28
N THR A 329 10.38 -9.03 -38.73
CA THR A 329 9.81 -8.58 -37.47
C THR A 329 10.08 -7.10 -37.24
N LYS A 330 9.32 -6.25 -37.93
CA LYS A 330 9.43 -4.82 -37.75
C LYS A 330 8.36 -4.25 -36.82
N ASN A 331 7.30 -5.01 -36.55
CA ASN A 331 6.26 -4.54 -35.63
C ASN A 331 6.80 -4.37 -34.22
N VAL A 332 7.60 -5.33 -33.76
CA VAL A 332 8.18 -5.23 -32.41
C VAL A 332 9.13 -4.05 -32.33
N GLN A 333 9.96 -3.84 -33.35
CA GLN A 333 10.86 -2.70 -33.34
C GLN A 333 10.09 -1.39 -33.35
N PHE A 334 9.02 -1.33 -34.13
CA PHE A 334 8.21 -0.12 -34.16
C PHE A 334 7.62 0.19 -32.78
N VAL A 335 7.05 -0.83 -32.13
CA VAL A 335 6.41 -0.57 -30.83
C VAL A 335 7.47 -0.24 -29.78
N PHE A 336 8.67 -0.83 -29.88
CA PHE A 336 9.73 -0.50 -28.94
C PHE A 336 10.18 0.95 -29.09
N ASP A 337 10.39 1.40 -30.32
CA ASP A 337 10.77 2.80 -30.53
C ASP A 337 9.66 3.74 -30.07
N ALA A 338 8.41 3.37 -30.35
CA ALA A 338 7.29 4.19 -29.92
C ALA A 338 7.26 4.35 -28.41
N VAL A 339 7.43 3.24 -27.67
CA VAL A 339 7.35 3.35 -26.21
C VAL A 339 8.56 4.08 -25.65
N THR A 340 9.73 3.94 -26.27
CA THR A 340 10.87 4.75 -25.85
C THR A 340 10.54 6.24 -25.97
N ASP A 341 9.96 6.64 -27.10
CA ASP A 341 9.66 8.06 -27.29
C ASP A 341 8.55 8.52 -26.35
N VAL A 342 7.58 7.65 -26.06
CA VAL A 342 6.56 7.98 -25.07
C VAL A 342 7.20 8.21 -23.71
N ILE A 343 8.14 7.35 -23.34
CA ILE A 343 8.87 7.49 -22.08
C ILE A 343 9.54 8.86 -22.03
N ILE A 344 10.28 9.22 -23.08
CA ILE A 344 11.02 10.48 -23.07
C ILE A 344 10.08 11.66 -22.95
N LYS A 345 9.00 11.67 -23.73
CA LYS A 345 8.11 12.84 -23.76
C LYS A 345 7.35 12.98 -22.46
N ASN A 346 6.95 11.85 -21.84
CA ASN A 346 6.26 11.94 -20.56
C ASN A 346 7.26 12.16 -19.42
N ASN A 347 8.54 11.97 -19.69
CA ASN A 347 9.55 12.03 -18.65
C ASN A 347 10.08 13.44 -18.48
N LEU A 348 10.34 14.13 -19.60
CA LEU A 348 10.73 15.55 -19.52
C LEU A 348 9.47 16.40 -19.46
N LYS A 349 8.53 15.99 -18.62
CA LYS A 349 7.27 16.70 -18.47
C LYS A 349 6.91 16.85 -17.00
N ASP A 350 7.35 15.89 -16.19
CA ASP A 350 7.05 15.90 -14.77
C ASP A 350 8.06 16.70 -13.97
N CYS A 351 9.13 17.17 -14.60
CA CYS A 351 10.11 18.06 -13.99
C CYS A 351 10.16 19.37 -14.74
N GLY A 352 8.99 19.94 -15.02
CA GLY A 352 8.91 21.15 -15.82
C GLY A 352 9.33 20.89 -17.25
N LEU A 353 10.20 21.73 -17.78
CA LEU A 353 10.78 21.55 -19.10
C LEU A 353 9.73 21.65 -20.20
N PHE A 354 8.47 21.77 -19.82
CA PHE A 354 7.35 21.88 -20.76
C PHE A 354 7.44 20.88 -21.91
N ASN B 40 -41.61 13.62 8.62
CA ASN B 40 -41.34 14.98 9.04
C ASN B 40 -41.21 15.08 10.56
N ASN B 41 -41.51 13.97 11.23
CA ASN B 41 -41.42 13.89 12.69
C ASN B 41 -40.12 13.27 13.18
N ILE B 42 -39.16 13.02 12.29
CA ILE B 42 -37.89 12.41 12.65
C ILE B 42 -36.88 13.52 12.91
N ASP B 43 -36.23 13.48 14.07
CA ASP B 43 -35.22 14.47 14.38
C ASP B 43 -33.97 14.22 13.55
N PRO B 44 -33.34 15.26 13.02
CA PRO B 44 -32.10 15.08 12.26
C PRO B 44 -30.94 14.71 13.15
N VAL B 45 -30.11 13.77 12.68
CA VAL B 45 -28.89 13.45 13.39
C VAL B 45 -27.92 14.63 13.37
N GLY B 46 -28.11 15.56 12.43
CA GLY B 46 -27.26 16.73 12.36
C GLY B 46 -25.88 16.43 11.80
N ARG B 47 -24.99 17.38 12.04
CA ARG B 47 -23.61 17.26 11.58
C ARG B 47 -22.91 16.18 12.39
N ILE B 48 -22.47 15.12 11.71
CA ILE B 48 -21.74 14.04 12.37
C ILE B 48 -20.29 14.07 11.88
N GLN B 49 -19.43 14.74 12.63
CA GLN B 49 -18.02 14.76 12.29
C GLN B 49 -17.34 13.49 12.76
N MET B 50 -16.29 13.11 12.03
CA MET B 50 -15.54 11.91 12.34
C MET B 50 -14.06 12.20 12.09
N ARG B 51 -13.21 11.48 12.81
CA ARG B 51 -11.78 11.70 12.73
C ARG B 51 -11.10 10.42 12.28
N THR B 52 -10.08 10.56 11.46
CA THR B 52 -9.29 9.42 11.01
C THR B 52 -8.49 8.90 12.19
N ARG B 53 -9.00 7.83 12.84
CA ARG B 53 -8.24 7.21 13.91
C ARG B 53 -7.03 6.48 13.36
N ARG B 54 -7.23 5.69 12.31
CA ARG B 54 -6.17 4.89 11.74
C ARG B 54 -6.13 5.11 10.24
N THR B 55 -4.94 5.38 9.72
CA THR B 55 -4.67 5.36 8.29
C THR B 55 -3.86 4.11 8.01
N LEU B 56 -4.40 3.24 7.17
CA LEU B 56 -3.80 1.95 6.88
C LEU B 56 -3.04 2.07 5.57
N ARG B 57 -1.72 2.05 5.65
CA ARG B 57 -0.85 2.18 4.50
C ARG B 57 -0.22 0.83 4.17
N GLY B 58 0.06 0.64 2.90
CA GLY B 58 0.65 -0.60 2.43
C GLY B 58 0.12 -1.00 1.07
N HIS B 59 -1.10 -0.60 0.75
CA HIS B 59 -1.59 -0.75 -0.61
C HIS B 59 -1.00 0.36 -1.47
N LEU B 60 -0.48 -0.01 -2.64
CA LEU B 60 0.21 0.93 -3.50
C LEU B 60 -0.62 1.37 -4.70
N ALA B 61 -1.13 0.42 -5.47
CA ALA B 61 -1.96 0.75 -6.63
C ALA B 61 -3.39 1.01 -6.18
N LYS B 62 -4.30 0.96 -7.14
CA LYS B 62 -5.71 1.20 -6.93
C LYS B 62 -6.33 0.12 -6.04
N ILE B 63 -7.40 0.49 -5.33
CA ILE B 63 -8.10 -0.42 -4.43
C ILE B 63 -9.55 -0.54 -4.89
N TYR B 64 -10.05 -1.78 -4.99
CA TYR B 64 -11.42 -1.99 -5.46
C TYR B 64 -12.40 -2.64 -4.49
N ALA B 65 -11.96 -3.35 -3.46
CA ALA B 65 -12.92 -4.04 -2.61
C ALA B 65 -12.41 -4.17 -1.18
N MET B 66 -13.36 -4.30 -0.26
CA MET B 66 -13.10 -4.51 1.16
C MET B 66 -14.33 -5.15 1.79
N HIS B 67 -14.10 -5.96 2.84
CA HIS B 67 -15.17 -6.58 3.61
C HIS B 67 -14.76 -6.70 5.07
N TRP B 68 -15.70 -6.46 5.97
CA TRP B 68 -15.44 -6.61 7.40
C TRP B 68 -15.55 -8.06 7.85
N GLY B 69 -14.73 -8.40 8.84
CA GLY B 69 -14.77 -9.70 9.46
C GLY B 69 -15.92 -9.82 10.45
N THR B 70 -16.01 -11.00 11.06
CA THR B 70 -17.12 -11.31 11.96
C THR B 70 -16.85 -10.86 13.38
N ASP B 71 -15.59 -10.87 13.82
CA ASP B 71 -15.22 -10.44 15.16
C ASP B 71 -15.07 -8.92 15.28
N SER B 72 -15.33 -8.18 14.20
CA SER B 72 -15.26 -6.73 14.19
C SER B 72 -13.86 -6.23 14.51
N ARG B 73 -12.85 -7.00 14.14
CA ARG B 73 -11.46 -6.60 14.33
C ARG B 73 -10.57 -6.86 13.14
N LEU B 74 -10.94 -7.76 12.24
CA LEU B 74 -10.13 -8.09 11.08
C LEU B 74 -10.76 -7.52 9.81
N LEU B 75 -9.91 -7.22 8.83
CA LEU B 75 -10.36 -6.59 7.59
C LEU B 75 -9.69 -7.27 6.39
N VAL B 76 -10.33 -7.18 5.23
CA VAL B 76 -9.78 -7.71 3.99
C VAL B 76 -9.92 -6.67 2.87
N SER B 77 -8.85 -6.45 2.13
CA SER B 77 -8.83 -5.45 1.06
C SER B 77 -8.14 -6.01 -0.18
N ALA B 78 -8.61 -5.57 -1.35
CA ALA B 78 -8.16 -6.08 -2.65
C ALA B 78 -7.67 -4.95 -3.55
N SER B 79 -6.48 -5.12 -4.12
CA SER B 79 -5.91 -4.09 -4.98
C SER B 79 -5.34 -4.72 -6.25
N GLN B 80 -4.80 -3.87 -7.13
CA GLN B 80 -4.14 -4.29 -8.36
C GLN B 80 -2.66 -4.57 -8.19
N ASP B 81 -2.14 -4.53 -6.96
CA ASP B 81 -0.84 -5.16 -6.76
C ASP B 81 -0.93 -6.67 -6.87
N GLY B 82 -2.11 -7.22 -7.13
CA GLY B 82 -2.36 -8.63 -6.92
C GLY B 82 -2.31 -9.00 -5.45
N LYS B 83 -2.94 -8.20 -4.59
CA LYS B 83 -2.84 -8.38 -3.15
C LYS B 83 -4.21 -8.33 -2.51
N LEU B 84 -4.38 -9.21 -1.51
CA LEU B 84 -5.56 -9.30 -0.66
C LEU B 84 -5.06 -9.35 0.78
N ILE B 85 -5.37 -8.33 1.57
CA ILE B 85 -4.75 -8.13 2.88
C ILE B 85 -5.80 -8.25 3.98
N ILE B 86 -5.48 -8.99 5.03
CA ILE B 86 -6.27 -9.05 6.26
C ILE B 86 -5.55 -8.23 7.31
N TRP B 87 -6.15 -7.10 7.67
CA TRP B 87 -5.66 -6.12 8.61
C TRP B 87 -6.16 -6.41 10.01
N ASP B 88 -5.31 -6.13 10.99
CA ASP B 88 -5.72 -5.97 12.38
C ASP B 88 -6.19 -4.54 12.57
N SER B 89 -7.43 -4.37 13.02
CA SER B 89 -8.02 -3.03 13.03
C SER B 89 -7.73 -2.26 14.30
N TYR B 90 -7.70 -2.91 15.47
CA TYR B 90 -7.53 -2.19 16.72
C TYR B 90 -6.17 -1.51 16.78
N THR B 91 -5.10 -2.25 16.52
CA THR B 91 -3.75 -1.75 16.70
C THR B 91 -3.08 -1.35 15.39
N THR B 92 -3.84 -1.34 14.29
CA THR B 92 -3.30 -1.06 12.96
C THR B 92 -2.11 -1.97 12.67
N ASN B 93 -2.39 -3.27 12.79
CA ASN B 93 -1.43 -4.32 12.51
C ASN B 93 -1.87 -5.10 11.29
N LYS B 94 -0.96 -5.89 10.74
CA LYS B 94 -1.23 -6.74 9.60
C LYS B 94 -1.21 -8.19 10.04
N VAL B 95 -2.31 -8.90 9.81
CA VAL B 95 -2.44 -10.29 10.20
C VAL B 95 -2.08 -11.23 9.06
N HIS B 96 -2.61 -10.97 7.86
CA HIS B 96 -2.36 -11.85 6.72
C HIS B 96 -2.22 -11.02 5.44
N ALA B 97 -1.40 -11.52 4.51
CA ALA B 97 -1.28 -10.96 3.18
C ALA B 97 -1.27 -12.09 2.16
N ILE B 98 -2.09 -11.98 1.12
CA ILE B 98 -2.35 -13.08 0.20
C ILE B 98 -2.11 -12.59 -1.22
N PRO B 99 -1.18 -13.19 -1.97
CA PRO B 99 -1.07 -12.89 -3.40
C PRO B 99 -2.16 -13.58 -4.19
N LEU B 100 -2.40 -13.08 -5.39
CA LEU B 100 -3.48 -13.55 -6.26
C LEU B 100 -2.91 -14.14 -7.55
N ARG B 101 -3.81 -14.55 -8.43
CA ARG B 101 -3.48 -15.09 -9.74
C ARG B 101 -3.94 -14.21 -10.88
N SER B 102 -5.17 -13.71 -10.83
CA SER B 102 -5.70 -12.77 -11.80
C SER B 102 -5.80 -11.42 -11.10
N SER B 103 -4.89 -10.50 -11.43
CA SER B 103 -4.79 -9.21 -10.77
C SER B 103 -5.89 -8.24 -11.19
N TRP B 104 -6.86 -8.67 -11.99
CA TRP B 104 -7.96 -7.80 -12.41
C TRP B 104 -9.17 -8.02 -11.53
N VAL B 105 -8.94 -7.85 -10.23
CA VAL B 105 -9.95 -8.18 -9.22
C VAL B 105 -11.03 -7.10 -9.19
N MET B 106 -12.19 -7.49 -8.68
CA MET B 106 -13.29 -6.55 -8.52
C MET B 106 -14.06 -6.76 -7.22
N THR B 107 -13.69 -7.76 -6.42
CA THR B 107 -14.51 -8.15 -5.28
C THR B 107 -13.71 -9.09 -4.38
N CYS B 108 -14.19 -9.22 -3.14
CA CYS B 108 -13.62 -10.14 -2.16
C CYS B 108 -14.67 -10.40 -1.09
N ALA B 109 -14.50 -11.51 -0.36
CA ALA B 109 -15.47 -11.92 0.65
C ALA B 109 -14.75 -12.53 1.85
N TYR B 110 -15.46 -12.53 2.98
CA TYR B 110 -14.95 -13.05 4.25
C TYR B 110 -15.94 -14.08 4.78
N ALA B 111 -15.45 -15.30 5.03
CA ALA B 111 -16.33 -16.36 5.52
C ALA B 111 -16.87 -16.00 6.89
N PRO B 112 -18.16 -16.21 7.15
CA PRO B 112 -18.74 -15.82 8.44
C PRO B 112 -18.15 -16.58 9.62
N SER B 113 -17.55 -17.74 9.39
CA SER B 113 -16.89 -18.51 10.44
C SER B 113 -15.40 -18.22 10.53
N GLY B 114 -14.89 -17.30 9.72
CA GLY B 114 -13.49 -16.92 9.83
C GLY B 114 -12.52 -17.93 9.26
N ASN B 115 -12.99 -18.91 8.50
CA ASN B 115 -12.10 -19.96 8.01
C ASN B 115 -11.57 -19.69 6.61
N TYR B 116 -12.36 -19.07 5.73
CA TYR B 116 -12.01 -18.93 4.32
C TYR B 116 -12.20 -17.50 3.85
N VAL B 117 -11.61 -17.22 2.68
CA VAL B 117 -11.85 -15.99 1.93
C VAL B 117 -12.09 -16.34 0.47
N ALA B 118 -12.54 -15.36 -0.31
CA ALA B 118 -12.84 -15.58 -1.73
C ALA B 118 -12.63 -14.29 -2.50
N CYS B 119 -12.45 -14.42 -3.82
CA CYS B 119 -12.24 -13.27 -4.69
C CYS B 119 -12.63 -13.62 -6.12
N GLY B 120 -12.76 -12.58 -6.94
CA GLY B 120 -13.11 -12.74 -8.35
C GLY B 120 -12.88 -11.46 -9.13
N GLY B 121 -13.03 -11.56 -10.45
CA GLY B 121 -12.85 -10.42 -11.32
C GLY B 121 -13.05 -10.66 -12.81
N LEU B 122 -12.25 -9.98 -13.65
CA LEU B 122 -12.33 -10.03 -15.12
C LEU B 122 -11.96 -11.36 -15.68
N ASP B 123 -11.68 -12.41 -14.90
CA ASP B 123 -11.16 -13.66 -15.44
C ASP B 123 -12.22 -14.77 -15.36
N ASN B 124 -13.43 -14.43 -14.92
CA ASN B 124 -14.66 -15.22 -15.00
C ASN B 124 -14.75 -16.33 -13.95
N ILE B 125 -13.75 -16.54 -13.11
CA ILE B 125 -13.75 -17.62 -12.14
C ILE B 125 -13.62 -17.04 -10.74
N CYS B 126 -14.10 -17.79 -9.76
CA CYS B 126 -14.12 -17.35 -8.37
C CYS B 126 -13.21 -18.25 -7.54
N SER B 127 -12.28 -17.64 -6.81
CA SER B 127 -11.27 -18.39 -6.06
C SER B 127 -11.59 -18.35 -4.58
N ILE B 128 -11.37 -19.49 -3.90
CA ILE B 128 -11.69 -19.65 -2.48
C ILE B 128 -10.48 -20.23 -1.77
N TYR B 129 -10.04 -19.54 -0.71
CA TYR B 129 -8.81 -19.80 0.04
C TYR B 129 -9.14 -20.18 1.48
N ASN B 130 -8.33 -21.09 2.04
CA ASN B 130 -8.50 -21.57 3.41
C ASN B 130 -7.50 -20.89 4.33
N LEU B 131 -8.01 -20.23 5.36
CA LEU B 131 -7.15 -19.45 6.26
C LEU B 131 -6.54 -20.28 7.39
N LYS B 132 -7.27 -21.24 7.93
CA LYS B 132 -6.88 -21.92 9.17
C LYS B 132 -6.46 -23.35 8.86
N THR B 133 -5.17 -23.51 8.54
CA THR B 133 -4.58 -24.82 8.34
C THR B 133 -3.46 -25.03 9.34
N ARG B 134 -3.24 -26.29 9.72
CA ARG B 134 -2.12 -26.60 10.59
C ARG B 134 -0.79 -26.24 9.96
N GLU B 135 -0.75 -26.10 8.63
CA GLU B 135 0.48 -25.71 7.95
C GLU B 135 0.86 -24.28 8.25
N GLY B 136 -0.10 -23.44 8.60
CA GLY B 136 0.14 -22.06 8.94
C GLY B 136 0.17 -21.10 7.78
N ASN B 137 -0.19 -21.53 6.57
CA ASN B 137 -0.24 -20.66 5.41
C ASN B 137 -1.60 -20.77 4.75
N VAL B 138 -2.02 -19.68 4.13
CA VAL B 138 -3.30 -19.66 3.43
C VAL B 138 -3.16 -20.37 2.09
N ARG B 139 -4.05 -21.32 1.82
CA ARG B 139 -4.03 -22.08 0.57
C ARG B 139 -5.38 -21.96 -0.11
N VAL B 140 -5.36 -21.99 -1.44
CA VAL B 140 -6.58 -21.91 -2.23
C VAL B 140 -7.23 -23.27 -2.31
N SER B 141 -8.43 -23.40 -1.77
CA SER B 141 -9.09 -24.69 -1.69
C SER B 141 -9.99 -24.95 -2.88
N ARG B 142 -10.63 -23.93 -3.45
CA ARG B 142 -11.58 -24.17 -4.52
C ARG B 142 -11.45 -23.12 -5.61
N GLU B 143 -11.77 -23.53 -6.84
CA GLU B 143 -11.74 -22.64 -8.01
C GLU B 143 -13.01 -22.89 -8.81
N LEU B 144 -14.03 -22.09 -8.54
CA LEU B 144 -15.31 -22.25 -9.20
C LEU B 144 -15.24 -21.63 -10.59
N ALA B 145 -15.56 -22.40 -11.61
CA ALA B 145 -15.44 -21.98 -13.01
C ALA B 145 -16.68 -22.40 -13.78
N GLY B 146 -16.93 -21.70 -14.87
CA GLY B 146 -18.11 -21.95 -15.67
C GLY B 146 -18.80 -20.69 -16.16
N HIS B 147 -18.22 -19.53 -15.84
CA HIS B 147 -18.70 -18.26 -16.34
C HIS B 147 -17.86 -17.80 -17.53
N THR B 148 -18.39 -16.84 -18.28
CA THR B 148 -17.65 -16.21 -19.36
C THR B 148 -17.68 -14.69 -19.34
N GLY B 149 -18.59 -14.07 -18.61
CA GLY B 149 -18.56 -12.63 -18.39
C GLY B 149 -17.85 -12.30 -17.10
N TYR B 150 -17.30 -11.09 -17.02
CA TYR B 150 -16.46 -10.71 -15.90
C TYR B 150 -17.24 -10.77 -14.59
N LEU B 151 -16.64 -11.39 -13.58
CA LEU B 151 -17.25 -11.51 -12.26
C LEU B 151 -17.22 -10.16 -11.53
N SER B 152 -18.34 -9.80 -10.93
CA SER B 152 -18.45 -8.53 -10.23
C SER B 152 -18.41 -8.66 -8.71
N CYS B 153 -18.83 -9.80 -8.16
CA CYS B 153 -18.99 -9.92 -6.72
C CYS B 153 -19.15 -11.39 -6.34
N CYS B 154 -18.99 -11.67 -5.05
CA CYS B 154 -19.13 -13.02 -4.50
C CYS B 154 -19.26 -12.92 -2.98
N ARG B 155 -20.21 -13.67 -2.42
CA ARG B 155 -20.47 -13.64 -0.99
C ARG B 155 -20.83 -15.05 -0.50
N PHE B 156 -20.34 -15.39 0.69
CA PHE B 156 -20.50 -16.72 1.27
C PHE B 156 -21.88 -16.91 1.87
N LEU B 157 -22.36 -18.16 1.81
CA LEU B 157 -23.60 -18.57 2.47
C LEU B 157 -23.32 -19.28 3.79
N ASP B 158 -22.48 -20.30 3.75
CA ASP B 158 -21.85 -20.92 4.89
C ASP B 158 -20.48 -21.39 4.43
N ASP B 159 -19.88 -22.32 5.17
CA ASP B 159 -18.57 -22.79 4.75
C ASP B 159 -18.59 -23.62 3.48
N ASN B 160 -19.76 -23.84 2.86
CA ASN B 160 -19.84 -24.72 1.70
C ASN B 160 -20.72 -24.21 0.56
N GLN B 161 -21.36 -23.05 0.66
CA GLN B 161 -22.23 -22.54 -0.38
C GLN B 161 -21.89 -21.08 -0.69
N ILE B 162 -21.87 -20.73 -1.98
CA ILE B 162 -21.52 -19.39 -2.40
C ILE B 162 -22.44 -18.95 -3.54
N VAL B 163 -22.46 -17.64 -3.79
CA VAL B 163 -23.25 -17.05 -4.86
C VAL B 163 -22.35 -16.14 -5.68
N THR B 164 -22.49 -16.19 -7.01
CA THR B 164 -21.68 -15.36 -7.90
C THR B 164 -22.55 -14.68 -8.94
N SER B 165 -22.10 -13.52 -9.40
CA SER B 165 -22.71 -12.79 -10.50
C SER B 165 -21.62 -12.19 -11.39
N SER B 166 -21.81 -12.31 -12.70
CA SER B 166 -20.75 -12.00 -13.64
C SER B 166 -21.32 -11.17 -14.79
N GLY B 167 -20.53 -11.03 -15.85
CA GLY B 167 -20.93 -10.31 -17.05
C GLY B 167 -21.73 -11.11 -18.06
N ASP B 168 -21.92 -12.42 -17.83
CA ASP B 168 -22.76 -13.24 -18.68
C ASP B 168 -24.24 -12.92 -18.55
N THR B 169 -24.60 -11.91 -17.76
CA THR B 169 -25.98 -11.59 -17.42
C THR B 169 -26.65 -12.70 -16.62
N THR B 170 -25.88 -13.49 -15.89
CA THR B 170 -26.41 -14.64 -15.16
C THR B 170 -25.80 -14.71 -13.76
N CYS B 171 -26.63 -15.06 -12.78
CA CYS B 171 -26.19 -15.35 -11.42
C CYS B 171 -26.13 -16.86 -11.22
N ALA B 172 -25.51 -17.28 -10.13
CA ALA B 172 -25.39 -18.72 -9.91
C ALA B 172 -25.13 -19.03 -8.45
N LEU B 173 -25.73 -20.13 -7.98
CA LEU B 173 -25.45 -20.69 -6.66
C LEU B 173 -24.54 -21.90 -6.81
N TRP B 174 -23.40 -21.86 -6.14
CA TRP B 174 -22.41 -22.92 -6.23
C TRP B 174 -22.27 -23.65 -4.90
N ASP B 175 -22.20 -24.98 -4.99
CA ASP B 175 -21.95 -25.86 -3.85
C ASP B 175 -20.47 -26.19 -3.85
N ILE B 176 -19.73 -25.65 -2.87
CA ILE B 176 -18.28 -25.63 -2.95
C ILE B 176 -17.71 -27.04 -2.89
N GLU B 177 -18.34 -27.92 -2.11
CA GLU B 177 -17.82 -29.29 -2.00
C GLU B 177 -17.90 -30.03 -3.33
N THR B 178 -19.04 -29.92 -4.03
CA THR B 178 -19.20 -30.64 -5.28
C THR B 178 -18.35 -30.03 -6.38
N GLY B 179 -18.38 -28.71 -6.50
CA GLY B 179 -17.63 -28.01 -7.53
C GLY B 179 -18.42 -27.59 -8.74
N GLN B 180 -19.74 -27.80 -8.74
CA GLN B 180 -20.59 -27.44 -9.86
C GLN B 180 -21.82 -26.71 -9.35
N GLN B 181 -22.39 -25.88 -10.23
CA GLN B 181 -23.56 -25.10 -9.86
C GLN B 181 -24.73 -26.01 -9.54
N THR B 182 -25.50 -25.64 -8.53
CA THR B 182 -26.75 -26.31 -8.24
C THR B 182 -27.94 -25.61 -8.86
N THR B 183 -27.80 -24.32 -9.20
CA THR B 183 -28.83 -23.59 -9.90
C THR B 183 -28.21 -22.33 -10.49
N THR B 184 -28.64 -21.99 -11.71
CA THR B 184 -28.19 -20.80 -12.40
C THR B 184 -29.39 -19.95 -12.79
N PHE B 185 -29.19 -18.64 -12.76
CA PHE B 185 -30.26 -17.66 -12.81
C PHE B 185 -30.05 -16.80 -14.04
N THR B 186 -31.01 -16.82 -14.96
CA THR B 186 -30.94 -16.11 -16.21
C THR B 186 -32.11 -15.13 -16.31
N GLY B 187 -31.92 -14.07 -17.09
CA GLY B 187 -32.96 -13.08 -17.25
C GLY B 187 -32.47 -11.64 -17.33
N HIS B 188 -31.16 -11.44 -17.20
CA HIS B 188 -30.58 -10.15 -17.48
C HIS B 188 -30.25 -10.04 -18.96
N THR B 189 -30.35 -8.82 -19.49
CA THR B 189 -29.86 -8.52 -20.82
C THR B 189 -28.55 -7.75 -20.81
N GLY B 190 -28.11 -7.30 -19.63
CA GLY B 190 -26.84 -6.61 -19.50
C GLY B 190 -26.04 -7.19 -18.34
N ASP B 191 -24.78 -6.80 -18.29
CA ASP B 191 -23.85 -7.37 -17.33
C ASP B 191 -24.29 -7.07 -15.90
N VAL B 192 -24.11 -8.04 -15.01
CA VAL B 192 -24.49 -7.90 -13.62
C VAL B 192 -23.29 -7.40 -12.83
N MET B 193 -23.48 -6.33 -12.05
CA MET B 193 -22.39 -5.65 -11.37
C MET B 193 -22.42 -5.79 -9.85
N SER B 194 -23.45 -6.37 -9.26
CA SER B 194 -23.49 -6.46 -7.81
C SER B 194 -24.46 -7.55 -7.35
N LEU B 195 -24.26 -8.00 -6.10
CA LEU B 195 -25.25 -8.81 -5.39
C LEU B 195 -24.97 -8.71 -3.90
N SER B 196 -25.95 -9.14 -3.10
CA SER B 196 -25.82 -9.16 -1.65
C SER B 196 -26.66 -10.31 -1.09
N LEU B 197 -26.23 -10.86 0.04
CA LEU B 197 -26.88 -12.00 0.66
C LEU B 197 -27.62 -11.59 1.92
N ALA B 198 -28.83 -12.10 2.07
CA ALA B 198 -29.69 -11.71 3.18
C ALA B 198 -29.12 -12.21 4.50
N PRO B 199 -29.37 -11.49 5.60
CA PRO B 199 -28.95 -11.99 6.91
C PRO B 199 -29.55 -13.33 7.25
N ASP B 200 -30.81 -13.56 6.86
CA ASP B 200 -31.48 -14.84 7.08
C ASP B 200 -30.91 -15.95 6.21
N THR B 201 -30.15 -15.61 5.16
CA THR B 201 -29.48 -16.58 4.31
C THR B 201 -30.51 -17.47 3.59
N ARG B 202 -31.41 -16.83 2.84
CA ARG B 202 -32.36 -17.56 2.00
C ARG B 202 -32.58 -16.95 0.63
N LEU B 203 -32.16 -15.71 0.38
CA LEU B 203 -32.45 -15.00 -0.86
C LEU B 203 -31.23 -14.18 -1.25
N PHE B 204 -31.27 -13.57 -2.44
CA PHE B 204 -30.27 -12.56 -2.74
C PHE B 204 -30.73 -11.65 -3.88
N VAL B 205 -30.18 -10.44 -3.90
CA VAL B 205 -30.58 -9.38 -4.81
C VAL B 205 -29.38 -9.00 -5.66
N SER B 206 -29.60 -8.82 -6.96
CA SER B 206 -28.54 -8.45 -7.89
C SER B 206 -28.97 -7.24 -8.72
N GLY B 207 -28.02 -6.61 -9.37
CA GLY B 207 -28.30 -5.47 -10.22
C GLY B 207 -27.36 -5.45 -11.40
N ALA B 208 -27.85 -4.94 -12.53
CA ALA B 208 -27.14 -5.05 -13.78
C ALA B 208 -27.10 -3.73 -14.53
N CYS B 209 -26.27 -3.71 -15.58
CA CYS B 209 -26.09 -2.56 -16.46
C CYS B 209 -27.32 -2.25 -17.30
N ASP B 210 -28.44 -2.93 -17.06
CA ASP B 210 -29.69 -2.66 -17.75
C ASP B 210 -30.55 -1.64 -17.00
N ALA B 211 -29.98 -0.96 -16.01
CA ALA B 211 -30.77 -0.13 -15.09
C ALA B 211 -31.88 -0.95 -14.43
N SER B 212 -31.55 -2.19 -14.07
CA SER B 212 -32.51 -3.10 -13.44
C SER B 212 -31.82 -3.92 -12.36
N ALA B 213 -32.64 -4.41 -11.43
CA ALA B 213 -32.22 -5.27 -10.34
C ALA B 213 -33.19 -6.44 -10.27
N LYS B 214 -32.74 -7.55 -9.69
CA LYS B 214 -33.56 -8.75 -9.62
C LYS B 214 -33.35 -9.47 -8.29
N LEU B 215 -34.45 -9.80 -7.64
CA LEU B 215 -34.46 -10.58 -6.41
C LEU B 215 -34.74 -12.03 -6.74
N TRP B 216 -33.89 -12.91 -6.20
CA TRP B 216 -33.87 -14.33 -6.54
C TRP B 216 -33.92 -15.18 -5.28
N ASP B 217 -34.70 -16.24 -5.34
CA ASP B 217 -34.60 -17.33 -4.37
C ASP B 217 -33.32 -18.12 -4.62
N VAL B 218 -32.89 -18.87 -3.61
CA VAL B 218 -31.58 -19.52 -3.65
C VAL B 218 -31.70 -21.00 -4.00
N ARG B 219 -32.57 -21.73 -3.30
CA ARG B 219 -32.56 -23.19 -3.40
C ARG B 219 -33.43 -23.74 -4.53
N GLU B 220 -34.24 -22.91 -5.19
CA GLU B 220 -35.12 -23.37 -6.25
C GLU B 220 -34.71 -22.85 -7.61
N GLY B 221 -34.57 -21.54 -7.76
CA GLY B 221 -34.13 -20.95 -9.00
C GLY B 221 -35.07 -19.94 -9.62
N MET B 222 -36.22 -19.66 -9.01
CA MET B 222 -37.17 -18.74 -9.58
C MET B 222 -36.69 -17.29 -9.43
N CYS B 223 -37.18 -16.43 -10.32
CA CYS B 223 -36.93 -15.00 -10.25
C CYS B 223 -38.05 -14.38 -9.42
N ARG B 224 -37.75 -14.03 -8.17
CA ARG B 224 -38.79 -13.49 -7.30
C ARG B 224 -39.31 -12.16 -7.81
N GLN B 225 -38.43 -11.27 -8.25
CA GLN B 225 -38.93 -9.95 -8.67
C GLN B 225 -37.87 -9.25 -9.50
N THR B 226 -38.30 -8.27 -10.30
CA THR B 226 -37.42 -7.43 -11.11
C THR B 226 -37.80 -5.98 -10.95
N PHE B 227 -36.82 -5.15 -10.59
CA PHE B 227 -36.96 -3.74 -10.26
C PHE B 227 -36.29 -2.90 -11.34
N THR B 228 -36.86 -1.74 -11.63
CA THR B 228 -36.28 -0.80 -12.59
C THR B 228 -36.43 0.62 -12.07
N GLY B 229 -35.83 1.57 -12.76
CA GLY B 229 -35.98 2.97 -12.41
C GLY B 229 -34.78 3.85 -12.63
N HIS B 230 -33.58 3.27 -12.59
CA HIS B 230 -32.38 4.08 -12.80
C HIS B 230 -32.30 4.55 -14.24
N GLU B 231 -31.61 5.67 -14.43
CA GLU B 231 -31.40 6.25 -15.76
C GLU B 231 -30.11 5.78 -16.41
N SER B 232 -29.33 4.95 -15.73
CA SER B 232 -28.11 4.37 -16.30
C SER B 232 -27.78 3.12 -15.52
N ASP B 233 -26.57 2.58 -15.74
CA ASP B 233 -26.22 1.30 -15.16
C ASP B 233 -26.06 1.39 -13.65
N ILE B 234 -26.27 0.25 -12.99
CA ILE B 234 -26.22 0.13 -11.54
C ILE B 234 -24.92 -0.56 -11.16
N ASN B 235 -24.15 0.07 -10.29
CA ASN B 235 -22.80 -0.40 -9.99
C ASN B 235 -22.53 -0.61 -8.51
N ALA B 236 -23.55 -0.54 -7.64
CA ALA B 236 -23.36 -0.77 -6.23
C ALA B 236 -24.70 -1.06 -5.57
N ILE B 237 -24.81 -2.21 -4.89
CA ILE B 237 -26.02 -2.59 -4.18
C ILE B 237 -25.65 -3.01 -2.77
N CYS B 238 -26.61 -2.86 -1.85
CA CYS B 238 -26.43 -3.24 -0.46
C CYS B 238 -27.77 -3.71 0.10
N PHE B 239 -27.68 -4.50 1.17
CA PHE B 239 -28.83 -5.21 1.74
C PHE B 239 -29.10 -4.64 3.12
N PHE B 240 -30.27 -4.04 3.32
CA PHE B 240 -30.57 -3.40 4.59
C PHE B 240 -30.66 -4.47 5.69
N PRO B 241 -30.14 -4.17 6.90
CA PRO B 241 -30.01 -5.24 7.91
C PRO B 241 -31.31 -5.90 8.34
N ASN B 242 -32.44 -5.22 8.21
CA ASN B 242 -33.73 -5.81 8.59
C ASN B 242 -34.25 -6.75 7.51
N GLY B 243 -33.60 -6.80 6.35
CA GLY B 243 -34.01 -7.70 5.31
C GLY B 243 -35.29 -7.34 4.61
N ASN B 244 -35.67 -6.06 4.63
CA ASN B 244 -36.90 -5.60 4.00
C ASN B 244 -36.68 -4.40 3.10
N ALA B 245 -35.45 -4.21 2.62
CA ALA B 245 -35.12 -3.08 1.76
C ALA B 245 -33.72 -3.30 1.21
N PHE B 246 -33.37 -2.51 0.20
CA PHE B 246 -32.02 -2.53 -0.34
C PHE B 246 -31.76 -1.22 -1.07
N ALA B 247 -30.48 -0.91 -1.25
CA ALA B 247 -30.05 0.36 -1.84
C ALA B 247 -29.09 0.12 -2.98
N THR B 248 -29.31 0.86 -4.07
CA THR B 248 -28.52 0.78 -5.28
C THR B 248 -27.79 2.08 -5.54
N GLY B 249 -26.62 1.96 -6.13
CA GLY B 249 -25.84 3.11 -6.57
C GLY B 249 -25.71 3.10 -8.08
N SER B 250 -25.75 4.29 -8.69
CA SER B 250 -25.77 4.43 -10.13
C SER B 250 -24.65 5.32 -10.61
N ASP B 251 -24.35 5.19 -11.90
CA ASP B 251 -23.45 6.12 -12.57
C ASP B 251 -24.22 7.23 -13.25
N ASP B 252 -25.21 7.80 -12.54
CA ASP B 252 -25.95 8.95 -13.05
C ASP B 252 -26.21 9.98 -11.95
N ALA B 253 -25.39 9.98 -10.89
CA ALA B 253 -25.50 10.91 -9.77
C ALA B 253 -26.80 10.72 -8.98
N THR B 254 -27.07 9.48 -8.59
CA THR B 254 -28.23 9.20 -7.75
C THR B 254 -28.01 7.88 -7.02
N CYS B 255 -28.46 7.82 -5.77
CA CYS B 255 -28.60 6.59 -5.02
C CYS B 255 -30.08 6.32 -4.77
N ARG B 256 -30.45 5.04 -4.68
CA ARG B 256 -31.85 4.71 -4.53
C ARG B 256 -32.04 3.64 -3.46
N LEU B 257 -33.16 3.70 -2.76
CA LEU B 257 -33.64 2.63 -1.90
C LEU B 257 -34.93 2.08 -2.48
N PHE B 258 -34.96 0.77 -2.72
CA PHE B 258 -36.17 0.04 -3.05
C PHE B 258 -36.56 -0.87 -1.88
N ASP B 259 -37.81 -1.27 -1.87
CA ASP B 259 -38.36 -2.22 -0.91
C ASP B 259 -38.60 -3.55 -1.60
N LEU B 260 -38.32 -4.65 -0.89
CA LEU B 260 -38.44 -5.97 -1.50
C LEU B 260 -39.89 -6.37 -1.72
N ARG B 261 -40.78 -6.02 -0.78
CA ARG B 261 -42.16 -6.46 -0.87
C ARG B 261 -43.02 -5.53 -1.72
N ALA B 262 -42.92 -4.21 -1.51
CA ALA B 262 -43.81 -3.27 -2.18
C ALA B 262 -43.53 -3.19 -3.68
N ASP B 263 -42.38 -3.67 -4.14
CA ASP B 263 -42.03 -3.71 -5.57
C ASP B 263 -42.03 -2.32 -6.18
N GLN B 264 -41.32 -1.39 -5.55
CA GLN B 264 -41.24 -0.01 -6.02
C GLN B 264 -40.02 0.63 -5.33
N GLU B 265 -39.57 1.76 -5.86
CA GLU B 265 -38.48 2.52 -5.28
C GLU B 265 -38.97 3.34 -4.10
N LEU B 266 -38.18 3.34 -3.02
CA LEU B 266 -38.53 4.05 -1.79
C LEU B 266 -37.96 5.46 -1.74
N MET B 267 -36.66 5.62 -2.00
CA MET B 267 -36.02 6.91 -1.76
C MET B 267 -34.93 7.19 -2.79
N THR B 268 -34.70 8.48 -3.02
CA THR B 268 -33.67 8.98 -3.93
C THR B 268 -32.73 9.92 -3.19
N TYR B 269 -31.42 9.75 -3.42
CA TYR B 269 -30.38 10.46 -2.68
C TYR B 269 -29.42 11.07 -3.69
N SER B 270 -29.52 12.39 -3.90
CA SER B 270 -28.65 13.10 -4.84
C SER B 270 -28.67 14.58 -4.50
N HIS B 271 -27.65 15.30 -4.98
CA HIS B 271 -27.53 16.73 -4.76
C HIS B 271 -27.15 17.44 -6.05
N ASP B 272 -27.51 18.72 -6.13
CA ASP B 272 -27.33 19.48 -7.37
C ASP B 272 -25.87 19.77 -7.66
N ASN B 273 -25.06 20.02 -6.63
CA ASN B 273 -23.64 20.24 -6.86
C ASN B 273 -22.93 18.97 -7.34
N ILE B 274 -23.58 17.82 -7.24
CA ILE B 274 -22.99 16.56 -7.67
C ILE B 274 -23.36 16.30 -9.12
N ILE B 275 -22.38 15.92 -9.93
CA ILE B 275 -22.61 15.51 -11.30
C ILE B 275 -21.99 14.16 -11.63
N CYS B 276 -21.29 13.55 -10.68
CA CYS B 276 -20.54 12.33 -10.90
C CYS B 276 -21.34 11.12 -10.43
N GLY B 277 -20.72 9.94 -10.49
CA GLY B 277 -21.41 8.70 -10.23
C GLY B 277 -21.08 8.07 -8.88
N ILE B 278 -22.03 7.27 -8.39
CA ILE B 278 -21.85 6.51 -7.15
C ILE B 278 -20.88 5.37 -7.42
N THR B 279 -20.22 4.89 -6.38
CA THR B 279 -19.41 3.68 -6.53
C THR B 279 -19.68 2.65 -5.45
N SER B 280 -20.04 3.07 -4.23
CA SER B 280 -20.23 2.12 -3.15
C SER B 280 -21.32 2.60 -2.21
N VAL B 281 -21.95 1.65 -1.53
CA VAL B 281 -23.07 1.90 -0.63
C VAL B 281 -22.95 0.95 0.54
N SER B 282 -23.21 1.45 1.76
CA SER B 282 -23.34 0.56 2.90
C SER B 282 -24.16 1.23 3.99
N PHE B 283 -24.62 0.42 4.94
CA PHE B 283 -25.43 0.88 6.06
C PHE B 283 -24.66 0.73 7.36
N SER B 284 -25.32 1.11 8.46
CA SER B 284 -24.80 0.95 9.81
C SER B 284 -25.72 0.02 10.61
N LYS B 285 -25.37 -0.21 11.88
CA LYS B 285 -26.11 -1.18 12.68
C LYS B 285 -27.59 -0.83 12.78
N SER B 286 -27.89 0.38 13.20
CA SER B 286 -29.29 0.80 13.25
C SER B 286 -29.81 1.09 11.84
N GLY B 287 -28.95 1.56 10.96
CA GLY B 287 -29.34 1.93 9.62
C GLY B 287 -29.56 3.41 9.40
N ARG B 288 -29.31 4.25 10.42
CA ARG B 288 -29.51 5.69 10.25
C ARG B 288 -28.54 6.26 9.23
N LEU B 289 -27.29 5.81 9.26
CA LEU B 289 -26.24 6.37 8.42
C LEU B 289 -26.07 5.49 7.18
N LEU B 290 -26.48 6.02 6.03
CA LEU B 290 -26.15 5.38 4.76
C LEU B 290 -24.86 6.02 4.25
N LEU B 291 -23.77 5.27 4.30
CA LEU B 291 -22.49 5.74 3.80
C LEU B 291 -22.45 5.49 2.29
N ALA B 292 -22.34 6.57 1.52
CA ALA B 292 -22.33 6.49 0.06
C ALA B 292 -21.04 7.09 -0.47
N GLY B 293 -20.29 6.29 -1.22
CA GLY B 293 -19.17 6.81 -1.94
C GLY B 293 -19.60 7.60 -3.16
N TYR B 294 -18.69 8.44 -3.64
CA TYR B 294 -18.96 9.29 -4.79
C TYR B 294 -17.71 9.40 -5.62
N ASP B 295 -17.82 10.16 -6.71
CA ASP B 295 -16.67 10.48 -7.56
C ASP B 295 -16.23 11.92 -7.39
N ASP B 296 -16.97 12.71 -6.60
CA ASP B 296 -16.56 14.04 -6.16
C ASP B 296 -15.42 14.01 -5.16
N PHE B 297 -14.84 12.83 -4.92
CA PHE B 297 -13.69 12.55 -4.07
C PHE B 297 -14.08 12.47 -2.60
N ASN B 298 -15.37 12.56 -2.27
CA ASN B 298 -15.81 12.74 -0.89
C ASN B 298 -16.90 11.73 -0.57
N CYS B 299 -16.62 10.84 0.38
CA CYS B 299 -17.69 10.02 0.94
C CYS B 299 -18.71 10.92 1.60
N ASN B 300 -19.97 10.60 1.45
CA ASN B 300 -21.04 11.35 2.10
C ASN B 300 -21.81 10.39 2.99
N VAL B 301 -21.97 10.73 4.27
CA VAL B 301 -22.88 9.97 5.11
C VAL B 301 -24.24 10.65 5.02
N TRP B 302 -25.25 9.89 4.65
CA TRP B 302 -26.59 10.39 4.41
C TRP B 302 -27.51 9.93 5.52
N ASP B 303 -28.36 10.84 6.00
CA ASP B 303 -29.40 10.48 6.95
C ASP B 303 -30.48 9.69 6.24
N ALA B 304 -30.42 8.36 6.34
CA ALA B 304 -31.22 7.47 5.51
C ALA B 304 -32.72 7.72 5.59
N LEU B 305 -33.19 8.51 6.53
CA LEU B 305 -34.62 8.73 6.70
C LEU B 305 -35.11 10.05 6.13
N LYS B 306 -34.31 11.12 6.20
CA LYS B 306 -34.73 12.40 5.68
C LYS B 306 -34.35 12.61 4.22
N ALA B 307 -33.54 11.72 3.66
CA ALA B 307 -33.09 11.77 2.27
C ALA B 307 -32.28 13.02 1.94
N ASP B 308 -31.99 13.85 2.94
CA ASP B 308 -31.28 15.11 2.72
C ASP B 308 -30.34 15.35 3.90
N ARG B 309 -29.09 14.91 3.73
CA ARG B 309 -27.98 15.31 4.58
C ARG B 309 -26.71 14.74 3.99
N ALA B 310 -25.62 15.50 4.12
CA ALA B 310 -24.33 15.08 3.58
C ALA B 310 -23.25 15.39 4.62
N GLY B 311 -22.98 14.42 5.49
CA GLY B 311 -21.85 14.47 6.40
C GLY B 311 -20.59 14.06 5.67
N VAL B 312 -19.97 15.03 4.99
CA VAL B 312 -18.80 14.74 4.16
C VAL B 312 -17.69 14.17 5.02
N LEU B 313 -17.23 12.97 4.66
CA LEU B 313 -15.99 12.43 5.20
C LEU B 313 -14.84 12.68 4.24
N ALA B 314 -14.61 13.96 3.96
CA ALA B 314 -13.54 14.35 3.06
C ALA B 314 -12.19 13.93 3.62
N GLY B 315 -11.23 13.71 2.71
CA GLY B 315 -9.93 13.27 3.14
C GLY B 315 -9.21 12.34 2.19
N HIS B 316 -9.84 12.00 1.07
CA HIS B 316 -9.18 11.30 -0.03
C HIS B 316 -8.93 12.26 -1.18
N ASP B 317 -7.93 11.92 -1.99
CA ASP B 317 -7.49 12.72 -3.12
C ASP B 317 -8.00 12.17 -4.45
N ASN B 318 -8.87 11.17 -4.43
CA ASN B 318 -9.27 10.49 -5.65
C ASN B 318 -10.65 9.87 -5.45
N ARG B 319 -11.02 8.97 -6.37
CA ARG B 319 -12.34 8.38 -6.38
C ARG B 319 -12.52 7.36 -5.24
N VAL B 320 -13.66 7.43 -4.57
CA VAL B 320 -13.97 6.49 -3.49
C VAL B 320 -14.47 5.19 -4.11
N SER B 321 -13.79 4.08 -3.80
CA SER B 321 -14.11 2.79 -4.38
C SER B 321 -14.98 1.92 -3.49
N CYS B 322 -14.58 1.72 -2.23
CA CYS B 322 -15.18 0.70 -1.37
C CYS B 322 -15.32 1.24 0.05
N LEU B 323 -16.20 0.60 0.82
CA LEU B 323 -16.42 1.04 2.19
C LEU B 323 -17.28 0.03 2.94
N GLY B 324 -17.05 -0.07 4.25
CA GLY B 324 -17.75 -1.03 5.08
C GLY B 324 -17.85 -0.58 6.52
N VAL B 325 -18.74 -1.26 7.26
CA VAL B 325 -19.08 -0.93 8.63
C VAL B 325 -19.05 -2.21 9.47
N THR B 326 -18.51 -2.12 10.68
CA THR B 326 -18.34 -3.30 11.53
C THR B 326 -19.69 -3.88 11.95
N ASP B 327 -19.63 -5.11 12.47
CA ASP B 327 -20.82 -5.75 13.00
C ASP B 327 -21.32 -5.07 14.26
N ASP B 328 -20.39 -4.62 15.11
CA ASP B 328 -20.74 -3.94 16.35
C ASP B 328 -20.74 -2.42 16.23
N GLY B 329 -20.60 -1.89 15.01
CA GLY B 329 -20.74 -0.46 14.79
C GLY B 329 -19.58 0.38 15.29
N MET B 330 -18.46 -0.25 15.63
CA MET B 330 -17.40 0.45 16.32
C MET B 330 -16.55 1.32 15.38
N ALA B 331 -16.70 1.17 14.07
CA ALA B 331 -15.90 1.94 13.14
C ALA B 331 -16.57 2.01 11.78
N VAL B 332 -15.96 2.77 10.88
CA VAL B 332 -16.27 2.81 9.46
C VAL B 332 -14.97 2.84 8.70
N ALA B 333 -14.84 2.02 7.67
CA ALA B 333 -13.65 2.05 6.84
C ALA B 333 -14.04 2.44 5.43
N THR B 334 -13.26 3.35 4.84
CA THR B 334 -13.42 3.77 3.46
C THR B 334 -12.10 3.63 2.72
N GLY B 335 -12.19 3.20 1.47
CA GLY B 335 -11.03 3.06 0.60
C GLY B 335 -11.29 3.66 -0.76
N SER B 336 -10.30 4.34 -1.30
CA SER B 336 -10.44 5.16 -2.49
C SER B 336 -9.29 4.87 -3.44
N TRP B 337 -9.26 5.58 -4.57
CA TRP B 337 -8.31 5.22 -5.60
C TRP B 337 -6.89 5.62 -5.25
N ASP B 338 -6.71 6.39 -4.16
CA ASP B 338 -5.41 6.91 -3.74
C ASP B 338 -4.59 5.93 -2.92
N SER B 339 -5.09 4.73 -2.69
CA SER B 339 -4.36 3.64 -2.03
C SER B 339 -4.24 3.82 -0.52
N PHE B 340 -5.17 4.53 0.10
CA PHE B 340 -5.19 4.67 1.55
C PHE B 340 -6.57 4.33 2.09
N LEU B 341 -6.58 3.62 3.22
CA LEU B 341 -7.78 3.08 3.84
C LEU B 341 -7.95 3.73 5.20
N LYS B 342 -9.12 4.29 5.47
CA LYS B 342 -9.30 5.15 6.62
C LYS B 342 -10.41 4.64 7.53
N ILE B 343 -10.19 4.78 8.84
CA ILE B 343 -11.09 4.29 9.87
C ILE B 343 -11.61 5.46 10.67
N TRP B 344 -12.92 5.49 10.87
CA TRP B 344 -13.63 6.63 11.43
C TRP B 344 -14.54 6.17 12.55
N ASN B 345 -14.68 7.01 13.57
CA ASN B 345 -15.73 6.86 14.58
C ASN B 345 -15.82 8.12 15.43
N SER C 31 -45.96 3.31 3.06
CA SER C 31 -45.70 3.81 4.40
C SER C 31 -45.36 2.66 5.34
N LYS C 32 -45.95 1.50 5.09
CA LYS C 32 -45.65 0.33 5.92
C LYS C 32 -44.19 -0.10 5.78
N ALA C 33 -43.66 -0.06 4.55
CA ALA C 33 -42.28 -0.44 4.33
C ALA C 33 -41.32 0.52 5.02
N ALA C 34 -41.61 1.83 4.94
CA ALA C 34 -40.76 2.82 5.60
C ALA C 34 -40.85 2.70 7.11
N ALA C 35 -42.03 2.35 7.63
CA ALA C 35 -42.20 2.19 9.07
C ALA C 35 -41.35 1.02 9.59
N ASP C 36 -41.26 -0.05 8.82
CA ASP C 36 -40.50 -1.22 9.25
C ASP C 36 -39.02 -0.89 9.40
N LEU C 37 -38.48 -0.13 8.45
CA LEU C 37 -37.05 0.18 8.51
C LEU C 37 -36.75 1.25 9.56
N MET C 38 -37.65 2.21 9.75
CA MET C 38 -37.42 3.22 10.78
C MET C 38 -37.51 2.65 12.18
N ALA C 39 -38.39 1.65 12.38
CA ALA C 39 -38.50 1.01 13.68
C ALA C 39 -37.20 0.31 14.06
N TYR C 40 -36.55 -0.34 13.10
CA TYR C 40 -35.28 -1.01 13.39
C TYR C 40 -34.19 0.00 13.73
N CYS C 41 -34.25 1.19 13.15
CA CYS C 41 -33.29 2.23 13.47
C CYS C 41 -33.41 2.68 14.93
N GLU C 42 -34.64 2.85 15.41
CA GLU C 42 -34.86 3.32 16.77
C GLU C 42 -34.38 2.31 17.80
N ALA C 43 -34.68 1.03 17.59
CA ALA C 43 -34.41 0.01 18.60
C ALA C 43 -32.91 -0.12 18.87
N HIS C 44 -32.08 -0.09 17.82
CA HIS C 44 -30.65 -0.28 17.94
C HIS C 44 -29.91 1.06 18.02
N ALA C 45 -30.55 2.09 18.57
CA ALA C 45 -29.93 3.40 18.64
C ALA C 45 -28.68 3.38 19.53
N LYS C 46 -28.82 2.86 20.74
CA LYS C 46 -27.75 2.92 21.72
C LYS C 46 -26.61 1.94 21.43
N GLU C 47 -26.80 1.01 20.49
CA GLU C 47 -25.76 0.07 20.11
C GLU C 47 -24.93 0.58 18.94
N ASP C 48 -25.15 1.80 18.47
CA ASP C 48 -24.41 2.34 17.35
C ASP C 48 -23.38 3.34 17.87
N PRO C 49 -22.11 2.99 17.94
CA PRO C 49 -21.09 3.99 18.32
C PRO C 49 -21.05 5.20 17.41
N LEU C 50 -21.24 5.00 16.09
CA LEU C 50 -21.16 6.10 15.16
C LEU C 50 -22.29 7.10 15.32
N LEU C 51 -23.43 6.68 15.84
CA LEU C 51 -24.50 7.61 16.20
C LEU C 51 -24.20 8.33 17.49
N THR C 52 -24.04 7.58 18.58
CA THR C 52 -23.67 8.13 19.89
C THR C 52 -22.25 7.70 20.20
N PRO C 53 -21.26 8.57 20.01
CA PRO C 53 -19.86 8.15 20.19
C PRO C 53 -19.59 7.78 21.63
N VAL C 54 -19.01 6.60 21.83
CA VAL C 54 -18.71 6.11 23.18
C VAL C 54 -17.59 6.96 23.78
N PRO C 55 -17.64 7.29 25.06
CA PRO C 55 -16.50 7.96 25.70
C PRO C 55 -15.26 7.08 25.62
N ALA C 56 -14.10 7.75 25.54
CA ALA C 56 -12.84 7.08 25.23
C ALA C 56 -12.48 5.96 26.19
N SER C 57 -13.22 5.80 27.30
CA SER C 57 -12.93 4.71 28.22
C SER C 57 -13.18 3.35 27.58
N GLU C 58 -14.19 3.23 26.72
CA GLU C 58 -14.56 1.97 26.11
C GLU C 58 -14.23 1.89 24.63
N ASN C 59 -13.80 3.00 24.02
CA ASN C 59 -13.49 3.01 22.59
C ASN C 59 -12.07 2.54 22.35
N PRO C 60 -11.87 1.43 21.62
CA PRO C 60 -10.51 0.93 21.38
C PRO C 60 -9.78 1.64 20.26
N PHE C 61 -10.47 2.46 19.47
CA PHE C 61 -9.81 3.29 18.46
C PHE C 61 -9.48 4.68 18.98
N ARG C 62 -9.72 4.94 20.27
CA ARG C 62 -9.45 6.24 20.89
C ARG C 62 -10.21 7.35 20.17
N VAL D 1 1.31 -31.87 11.36
CA VAL D 1 2.69 -31.37 11.42
C VAL D 1 3.59 -32.42 12.03
N GLN D 2 4.88 -32.13 12.11
CA GLN D 2 5.84 -33.07 12.68
C GLN D 2 7.08 -32.30 13.15
N LEU D 3 7.59 -32.68 14.32
CA LEU D 3 8.80 -32.07 14.87
C LEU D 3 9.68 -33.18 15.44
N VAL D 4 10.88 -33.33 14.89
CA VAL D 4 11.80 -34.40 15.28
C VAL D 4 13.13 -33.78 15.69
N GLU D 5 13.64 -34.18 16.85
CA GLU D 5 14.75 -33.48 17.48
C GLU D 5 15.93 -34.43 17.69
N SER D 6 17.12 -33.87 17.68
CA SER D 6 18.34 -34.65 17.86
C SER D 6 19.29 -33.89 18.78
N GLY D 7 20.13 -34.65 19.48
CA GLY D 7 21.13 -34.08 20.37
C GLY D 7 21.09 -34.61 21.79
N GLY D 8 20.05 -35.32 22.20
CA GLY D 8 19.93 -35.77 23.57
C GLY D 8 20.98 -36.81 23.93
N GLY D 9 21.05 -37.10 25.22
CA GLY D 9 21.96 -38.10 25.73
C GLY D 9 22.54 -37.68 27.06
N LEU D 10 23.65 -38.31 27.42
CA LEU D 10 24.33 -38.07 28.69
C LEU D 10 25.56 -37.21 28.46
N VAL D 11 25.69 -36.13 29.23
CA VAL D 11 26.76 -35.17 29.04
C VAL D 11 27.41 -34.89 30.39
N GLN D 12 28.74 -34.74 30.37
CA GLN D 12 29.47 -34.39 31.57
C GLN D 12 29.20 -32.94 31.96
N PRO D 13 29.43 -32.57 33.22
CA PRO D 13 29.24 -31.18 33.62
C PRO D 13 30.19 -30.26 32.87
N GLY D 14 29.74 -29.02 32.67
CA GLY D 14 30.52 -28.07 31.91
C GLY D 14 30.45 -28.37 30.42
N GLY D 15 31.41 -27.81 29.69
CA GLY D 15 31.42 -28.03 28.26
C GLY D 15 30.23 -27.36 27.59
N SER D 16 29.84 -27.92 26.44
CA SER D 16 28.72 -27.39 25.67
C SER D 16 28.08 -28.50 24.87
N ARG D 17 26.81 -28.32 24.57
CA ARG D 17 26.03 -29.28 23.79
C ARG D 17 24.97 -28.52 23.01
N LYS D 18 24.68 -29.00 21.81
CA LYS D 18 23.74 -28.33 20.91
C LYS D 18 22.62 -29.28 20.55
N LEU D 19 21.38 -28.83 20.68
CA LEU D 19 20.22 -29.63 20.33
C LEU D 19 19.51 -29.01 19.13
N SER D 20 19.27 -29.83 18.12
CA SER D 20 18.69 -29.38 16.86
C SER D 20 17.29 -29.96 16.68
N CYS D 21 16.48 -29.24 15.92
CA CYS D 21 15.08 -29.57 15.70
C CYS D 21 14.77 -29.45 14.22
N SER D 22 14.12 -30.46 13.66
CA SER D 22 13.70 -30.48 12.27
C SER D 22 12.18 -30.50 12.21
N ALA D 23 11.63 -29.55 11.45
CA ALA D 23 10.19 -29.41 11.27
C ALA D 23 9.79 -30.02 9.93
N SER D 24 8.55 -30.51 9.88
CA SER D 24 8.05 -31.12 8.66
C SER D 24 6.55 -30.92 8.57
N GLY D 25 6.07 -30.58 7.38
CA GLY D 25 4.65 -30.45 7.15
C GLY D 25 4.01 -29.18 7.66
N PHE D 26 4.72 -28.05 7.58
CA PHE D 26 4.11 -26.75 7.83
C PHE D 26 5.11 -25.67 7.40
N ALA D 27 4.62 -24.43 7.39
CA ALA D 27 5.41 -23.25 6.99
C ALA D 27 6.34 -22.86 8.13
N PHE D 28 7.58 -23.33 8.08
CA PHE D 28 8.48 -23.20 9.23
C PHE D 28 8.80 -21.74 9.53
N SER D 29 9.07 -20.94 8.49
CA SER D 29 9.66 -19.63 8.66
C SER D 29 8.65 -18.56 9.06
N SER D 30 7.44 -18.94 9.48
CA SER D 30 6.47 -17.99 10.01
C SER D 30 6.14 -18.25 11.47
N PHE D 31 7.02 -18.94 12.19
CA PHE D 31 6.75 -19.42 13.54
C PHE D 31 7.84 -18.97 14.49
N GLY D 32 7.43 -18.63 15.71
CA GLY D 32 8.36 -18.49 16.81
C GLY D 32 8.49 -19.80 17.57
N MET D 33 9.66 -20.04 18.12
CA MET D 33 9.96 -21.32 18.73
C MET D 33 10.49 -21.14 20.14
N HIS D 34 10.06 -22.03 21.04
CA HIS D 34 10.57 -22.07 22.41
C HIS D 34 11.21 -23.41 22.70
N TRP D 35 12.25 -23.39 23.53
CA TRP D 35 12.81 -24.57 24.15
C TRP D 35 12.39 -24.60 25.61
N VAL D 36 11.72 -25.69 25.99
CA VAL D 36 11.20 -25.95 27.34
C VAL D 36 11.84 -27.26 27.82
N ARG D 37 11.74 -27.53 29.12
CA ARG D 37 12.33 -28.74 29.68
C ARG D 37 11.46 -29.27 30.80
N GLN D 38 11.78 -30.47 31.27
CA GLN D 38 11.12 -31.09 32.41
C GLN D 38 12.15 -31.89 33.20
N ALA D 39 12.15 -31.73 34.51
CA ALA D 39 13.12 -32.42 35.35
C ALA D 39 12.86 -33.93 35.34
N PRO D 40 13.90 -34.75 35.56
CA PRO D 40 13.69 -36.21 35.55
C PRO D 40 12.74 -36.71 36.62
N GLU D 41 12.48 -35.91 37.65
CA GLU D 41 11.53 -36.27 38.69
C GLU D 41 10.56 -35.16 39.03
N LYS D 42 10.83 -33.93 38.62
CA LYS D 42 10.04 -32.76 38.99
C LYS D 42 9.38 -32.15 37.76
N GLY D 43 8.77 -30.99 37.96
CA GLY D 43 8.00 -30.33 36.92
C GLY D 43 8.80 -29.81 35.75
N LEU D 44 8.20 -28.88 35.01
CA LEU D 44 8.77 -28.34 33.79
C LEU D 44 9.58 -27.07 34.08
N GLU D 45 10.45 -26.72 33.14
CA GLU D 45 11.18 -25.45 33.17
C GLU D 45 11.32 -24.94 31.73
N TRP D 46 11.26 -23.62 31.56
CA TRP D 46 11.47 -23.04 30.24
C TRP D 46 12.95 -22.72 30.06
N VAL D 47 13.40 -22.71 28.80
CA VAL D 47 14.78 -22.32 28.53
C VAL D 47 14.83 -21.04 27.71
N ALA D 48 14.36 -21.07 26.47
CA ALA D 48 14.70 -19.98 25.57
C ALA D 48 13.66 -19.78 24.49
N TYR D 49 13.77 -18.65 23.79
CA TYR D 49 12.77 -18.26 22.81
C TYR D 49 13.39 -17.46 21.67
N ILE D 50 13.01 -17.79 20.44
CA ILE D 50 13.35 -17.01 19.26
C ILE D 50 12.06 -16.75 18.47
N SER D 51 12.01 -15.63 17.76
CA SER D 51 10.79 -15.19 17.12
C SER D 51 10.95 -15.15 15.60
N SER D 52 9.89 -14.70 14.93
CA SER D 52 9.79 -14.75 13.47
C SER D 52 10.66 -13.69 12.84
N GLY D 53 11.58 -14.11 11.97
CA GLY D 53 12.54 -13.21 11.37
C GLY D 53 13.89 -13.14 12.06
N SER D 54 14.16 -14.04 13.01
CA SER D 54 15.43 -14.08 13.72
C SER D 54 15.75 -12.75 14.40
N GLY D 55 14.73 -12.16 15.02
CA GLY D 55 14.91 -10.92 15.75
C GLY D 55 15.03 -11.14 17.25
N THR D 56 13.91 -11.03 17.94
CA THR D 56 13.89 -11.16 19.40
C THR D 56 14.48 -12.48 19.84
N ILE D 57 15.34 -12.43 20.85
CA ILE D 57 15.93 -13.60 21.47
C ILE D 57 15.85 -13.44 22.98
N TYR D 58 15.30 -14.44 23.67
CA TYR D 58 15.18 -14.40 25.12
C TYR D 58 15.75 -15.67 25.75
N TYR D 59 16.44 -15.50 26.87
CA TYR D 59 16.93 -16.60 27.68
C TYR D 59 16.44 -16.45 29.11
N ALA D 60 16.38 -17.57 29.82
CA ALA D 60 16.08 -17.56 31.24
C ALA D 60 17.26 -16.99 32.01
N ASP D 61 16.95 -16.42 33.18
CA ASP D 61 18.00 -15.84 34.01
C ASP D 61 19.02 -16.89 34.45
N THR D 62 18.58 -18.12 34.66
CA THR D 62 19.51 -19.21 34.98
C THR D 62 20.44 -19.49 33.81
N VAL D 63 19.93 -19.38 32.59
CA VAL D 63 20.67 -19.73 31.38
C VAL D 63 21.15 -18.50 30.62
N LYS D 64 20.97 -17.31 31.18
CA LYS D 64 21.35 -16.10 30.48
C LYS D 64 22.85 -16.04 30.25
N GLY D 65 23.25 -15.65 29.05
CA GLY D 65 24.64 -15.52 28.72
C GLY D 65 25.39 -16.83 28.55
N ARG D 66 24.68 -17.96 28.58
CA ARG D 66 25.32 -19.24 28.37
C ARG D 66 24.56 -20.17 27.43
N PHE D 67 23.30 -19.89 27.12
CA PHE D 67 22.54 -20.60 26.10
C PHE D 67 22.16 -19.61 25.01
N THR D 68 22.31 -20.01 23.75
CA THR D 68 21.94 -19.17 22.62
C THR D 68 21.09 -19.95 21.62
N ILE D 69 20.08 -19.28 21.08
CA ILE D 69 19.09 -19.92 20.22
C ILE D 69 19.25 -19.37 18.82
N SER D 70 18.91 -20.20 17.83
CA SER D 70 19.02 -19.78 16.43
C SER D 70 18.09 -20.62 15.57
N ARG D 71 17.92 -20.20 14.32
CA ARG D 71 17.07 -20.90 13.37
C ARG D 71 17.67 -20.80 11.97
N ASP D 72 17.17 -21.65 11.07
CA ASP D 72 17.63 -21.69 9.69
C ASP D 72 16.42 -22.04 8.82
N ASP D 73 15.98 -21.08 8.02
CA ASP D 73 14.71 -21.17 7.31
C ASP D 73 14.74 -21.96 6.01
N PRO D 74 15.79 -21.86 5.18
CA PRO D 74 15.82 -22.70 3.97
C PRO D 74 15.71 -24.19 4.26
N LYS D 75 16.34 -24.67 5.32
CA LYS D 75 16.34 -26.10 5.64
C LYS D 75 15.36 -26.46 6.75
N ASN D 76 14.58 -25.50 7.26
CA ASN D 76 13.59 -25.72 8.30
C ASN D 76 14.22 -26.41 9.52
N THR D 77 15.13 -25.69 10.18
CA THR D 77 15.86 -26.24 11.32
C THR D 77 15.95 -25.21 12.42
N LEU D 78 16.06 -25.68 13.66
CA LEU D 78 16.16 -24.83 14.84
C LEU D 78 17.26 -25.35 15.74
N PHE D 79 17.97 -24.44 16.41
CA PHE D 79 19.12 -24.80 17.23
C PHE D 79 19.01 -24.16 18.61
N LEU D 80 19.35 -24.92 19.65
CA LEU D 80 19.70 -24.35 20.94
C LEU D 80 21.09 -24.82 21.31
N GLN D 81 22.04 -23.90 21.34
CA GLN D 81 23.40 -24.16 21.80
C GLN D 81 23.48 -23.86 23.29
N MET D 82 24.17 -24.73 24.02
CA MET D 82 24.08 -24.79 25.48
C MET D 82 25.48 -24.83 26.03
N THR D 83 25.93 -23.73 26.62
CA THR D 83 27.21 -23.68 27.30
C THR D 83 26.99 -23.55 28.80
N SER D 84 28.03 -23.91 29.56
CA SER D 84 27.97 -23.91 31.03
C SER D 84 26.86 -24.84 31.53
N LEU D 85 27.06 -26.13 31.28
CA LEU D 85 26.14 -27.16 31.72
C LEU D 85 26.57 -27.71 33.07
N ARG D 86 25.63 -27.78 34.01
CA ARG D 86 25.90 -28.30 35.33
C ARG D 86 24.94 -29.43 35.64
N SER D 87 25.25 -30.20 36.69
CA SER D 87 24.47 -31.39 37.01
C SER D 87 23.00 -31.08 37.29
N GLU D 88 22.67 -29.83 37.63
CA GLU D 88 21.29 -29.45 37.81
C GLU D 88 20.53 -29.29 36.50
N ASP D 89 21.23 -29.36 35.37
CA ASP D 89 20.61 -29.18 34.06
C ASP D 89 19.99 -30.45 33.48
N THR D 90 20.07 -31.57 34.18
CA THR D 90 19.46 -32.80 33.70
C THR D 90 17.95 -32.62 33.59
N ALA D 91 17.41 -32.98 32.42
CA ALA D 91 16.00 -32.82 32.12
C ALA D 91 15.72 -33.52 30.79
N MET D 92 14.49 -33.38 30.32
CA MET D 92 14.11 -33.82 28.99
C MET D 92 13.37 -32.66 28.33
N TYR D 93 13.74 -32.34 27.10
CA TYR D 93 13.42 -31.06 26.49
C TYR D 93 12.34 -31.18 25.41
N TYR D 94 11.62 -30.08 25.22
CA TYR D 94 10.55 -29.95 24.25
C TYR D 94 10.79 -28.71 23.40
N CYS D 95 10.55 -28.84 22.10
CA CYS D 95 10.55 -27.72 21.18
C CYS D 95 9.11 -27.41 20.84
N VAL D 96 8.67 -26.20 21.15
CA VAL D 96 7.27 -25.84 21.05
C VAL D 96 7.11 -24.74 20.02
N ARG D 97 6.22 -24.96 19.07
CA ARG D 97 5.83 -23.94 18.12
C ARG D 97 4.99 -22.89 18.82
N SER D 98 4.94 -21.70 18.22
CA SER D 98 4.02 -20.66 18.65
C SER D 98 3.95 -19.59 17.57
N ILE D 99 2.75 -19.28 17.10
CA ILE D 99 2.57 -18.27 16.07
C ILE D 99 1.83 -17.10 16.70
N TYR D 100 2.46 -15.93 16.68
CA TYR D 100 1.94 -14.75 17.37
C TYR D 100 1.30 -13.83 16.34
N TYR D 101 0.00 -14.00 16.15
CA TYR D 101 -0.85 -13.01 15.51
C TYR D 101 -2.17 -13.06 16.24
N TYR D 102 -3.05 -12.11 15.95
CA TYR D 102 -4.30 -12.01 16.69
C TYR D 102 -5.12 -13.29 16.53
N GLY D 103 -5.46 -13.92 17.64
CA GLY D 103 -6.34 -15.07 17.64
C GLY D 103 -5.67 -16.41 17.50
N SER D 104 -4.35 -16.45 17.35
CA SER D 104 -3.70 -17.74 17.16
C SER D 104 -3.65 -18.51 18.48
N SER D 105 -3.27 -19.78 18.38
CA SER D 105 -3.15 -20.67 19.52
C SER D 105 -1.70 -21.04 19.72
N PRO D 106 -0.96 -20.35 20.58
CA PRO D 106 0.42 -20.74 20.85
C PRO D 106 0.50 -22.03 21.63
N PHE D 107 1.68 -22.66 21.57
CA PHE D 107 1.94 -23.92 22.26
C PHE D 107 1.01 -25.04 21.80
N ASP D 108 0.58 -25.01 20.54
CA ASP D 108 -0.40 -25.98 20.06
C ASP D 108 0.22 -27.29 19.59
N PHE D 109 1.53 -27.35 19.44
CA PHE D 109 2.19 -28.59 19.05
C PHE D 109 3.55 -28.68 19.75
N TRP D 110 3.80 -29.80 20.39
CA TRP D 110 5.07 -30.06 21.05
C TRP D 110 5.75 -31.24 20.37
N GLY D 111 7.06 -31.20 20.31
CA GLY D 111 7.78 -32.33 19.77
C GLY D 111 7.76 -33.51 20.72
N GLN D 112 8.36 -34.61 20.25
CA GLN D 112 8.46 -35.81 21.06
C GLN D 112 9.43 -35.65 22.22
N GLY D 113 10.18 -34.56 22.27
CA GLY D 113 11.11 -34.31 23.36
C GLY D 113 12.34 -35.18 23.29
N THR D 114 13.45 -34.67 23.83
CA THR D 114 14.70 -35.42 23.83
C THR D 114 15.32 -35.39 25.22
N THR D 115 15.77 -36.56 25.67
CA THR D 115 16.38 -36.65 27.00
C THR D 115 17.75 -36.00 26.99
N LEU D 116 18.12 -35.40 28.13
CA LEU D 116 19.43 -34.80 28.31
C LEU D 116 19.79 -34.93 29.79
N THR D 117 20.58 -35.92 30.12
CA THR D 117 21.00 -36.17 31.50
C THR D 117 22.41 -35.64 31.69
N VAL D 118 22.58 -34.74 32.65
CA VAL D 118 23.86 -34.12 32.95
C VAL D 118 24.43 -34.79 34.19
N SER D 119 25.66 -35.29 34.08
CA SER D 119 26.32 -35.96 35.20
C SER D 119 26.83 -34.95 36.22
N SER D 135 14.94 -11.55 43.42
CA SER D 135 14.27 -11.41 42.13
C SER D 135 12.75 -11.30 42.30
N ALA D 136 12.07 -10.92 41.23
CA ALA D 136 10.62 -10.82 41.21
C ALA D 136 10.01 -11.76 40.18
N ASP D 137 10.75 -12.81 39.82
CA ASP D 137 10.24 -13.78 38.87
C ASP D 137 9.00 -14.47 39.43
N ILE D 138 7.98 -14.59 38.59
CA ILE D 138 6.75 -15.26 39.00
C ILE D 138 7.04 -16.76 38.99
N VAL D 139 7.05 -17.37 40.17
CA VAL D 139 7.15 -18.82 40.31
C VAL D 139 5.81 -19.33 40.79
N MET D 140 5.30 -20.36 40.12
CA MET D 140 3.99 -20.91 40.42
C MET D 140 4.13 -22.15 41.28
N THR D 141 3.32 -22.21 42.34
CA THR D 141 3.31 -23.34 43.27
C THR D 141 2.15 -24.25 42.91
N GLN D 142 2.46 -25.49 42.54
CA GLN D 142 1.41 -26.45 42.23
C GLN D 142 0.67 -26.77 43.53
N ALA D 143 -0.66 -26.72 43.49
CA ALA D 143 -1.44 -26.71 44.73
C ALA D 143 -1.24 -27.98 45.54
N THR D 144 -1.19 -29.13 44.89
CA THR D 144 -1.00 -30.40 45.59
C THR D 144 -0.04 -31.25 44.77
N SER D 145 0.07 -32.52 45.13
CA SER D 145 0.98 -33.43 44.43
C SER D 145 0.37 -34.78 44.08
N SER D 146 -0.80 -35.13 44.62
CA SER D 146 -1.43 -36.40 44.29
C SER D 146 -2.90 -36.35 44.70
N VAL D 147 -3.79 -36.64 43.76
CA VAL D 147 -5.22 -36.71 44.02
C VAL D 147 -5.76 -38.03 43.49
N PRO D 148 -6.00 -39.04 44.33
CA PRO D 148 -6.55 -40.30 43.85
C PRO D 148 -8.05 -40.18 43.57
N VAL D 149 -8.42 -40.32 42.31
CA VAL D 149 -9.81 -40.23 41.87
C VAL D 149 -10.13 -41.46 41.03
N THR D 150 -11.19 -42.17 41.39
CA THR D 150 -11.58 -43.36 40.67
C THR D 150 -12.14 -43.00 39.30
N PRO D 151 -11.98 -43.87 38.30
CA PRO D 151 -12.61 -43.62 36.99
C PRO D 151 -14.12 -43.52 37.12
N GLY D 152 -14.72 -42.62 36.33
CA GLY D 152 -16.12 -42.33 36.42
C GLY D 152 -16.48 -41.14 37.30
N GLU D 153 -15.48 -40.46 37.87
CA GLU D 153 -15.70 -39.29 38.69
C GLU D 153 -14.80 -38.16 38.21
N SER D 154 -15.27 -36.93 38.35
CA SER D 154 -14.57 -35.77 37.83
C SER D 154 -13.30 -35.50 38.63
N VAL D 155 -12.32 -34.88 37.97
CA VAL D 155 -11.04 -34.54 38.56
C VAL D 155 -10.89 -33.02 38.52
N SER D 156 -10.55 -32.42 39.67
CA SER D 156 -10.36 -30.99 39.79
C SER D 156 -8.98 -30.72 40.35
N ILE D 157 -8.16 -29.98 39.60
CA ILE D 157 -6.79 -29.69 39.98
C ILE D 157 -6.59 -28.18 39.95
N SER D 158 -5.72 -27.67 40.79
CA SER D 158 -5.50 -26.23 40.86
C SER D 158 -4.02 -25.92 40.99
N CYS D 159 -3.67 -24.65 40.74
CA CYS D 159 -2.33 -24.16 41.00
C CYS D 159 -2.37 -22.66 41.28
N ARG D 160 -1.31 -22.18 41.92
CA ARG D 160 -1.19 -20.82 42.39
C ARG D 160 -0.18 -20.05 41.52
N SER D 161 -0.22 -18.73 41.64
CA SER D 161 0.70 -17.85 40.93
C SER D 161 1.27 -16.81 41.88
N SER D 162 2.46 -16.31 41.55
CA SER D 162 3.11 -15.29 42.36
C SER D 162 2.60 -13.88 42.07
N LYS D 163 1.88 -13.66 40.97
CA LYS D 163 1.60 -12.32 40.50
C LYS D 163 0.37 -12.36 39.61
N SER D 164 -0.44 -11.29 39.69
CA SER D 164 -1.65 -11.20 38.88
C SER D 164 -1.29 -11.20 37.39
N LEU D 165 -2.16 -11.81 36.59
CA LEU D 165 -1.84 -12.06 35.18
C LEU D 165 -2.76 -11.36 34.19
N LEU D 166 -3.77 -10.61 34.64
CA LEU D 166 -4.53 -9.78 33.73
C LEU D 166 -3.68 -8.64 33.21
N HIS D 167 -3.32 -8.69 31.94
CA HIS D 167 -2.59 -7.62 31.29
C HIS D 167 -3.54 -6.48 30.91
N SER D 168 -2.97 -5.40 30.39
CA SER D 168 -3.76 -4.21 30.11
C SER D 168 -4.75 -4.43 28.97
N ASN D 169 -4.41 -5.28 28.01
CA ASN D 169 -5.24 -5.50 26.84
C ASN D 169 -6.40 -6.47 27.09
N GLY D 170 -6.74 -6.73 28.35
CA GLY D 170 -7.84 -7.61 28.68
C GLY D 170 -7.53 -9.09 28.61
N ASN D 171 -6.29 -9.47 28.34
CA ASN D 171 -5.91 -10.86 28.22
C ASN D 171 -5.59 -11.46 29.59
N THR D 172 -5.50 -12.79 29.61
CA THR D 172 -4.91 -13.53 30.71
C THR D 172 -3.99 -14.60 30.12
N TYR D 173 -2.92 -14.93 30.86
CA TYR D 173 -1.89 -15.82 30.33
C TYR D 173 -1.62 -16.93 31.33
N LEU D 174 -2.46 -17.96 31.28
CA LEU D 174 -2.19 -19.20 31.98
C LEU D 174 -2.47 -20.36 31.04
N TYR D 175 -1.61 -21.36 31.10
CA TYR D 175 -1.64 -22.50 30.20
C TYR D 175 -1.73 -23.78 30.99
N TRP D 176 -2.53 -24.73 30.51
CA TRP D 176 -2.71 -26.02 31.16
C TRP D 176 -2.30 -27.13 30.21
N PHE D 177 -1.39 -28.00 30.67
CA PHE D 177 -0.89 -29.10 29.87
C PHE D 177 -1.03 -30.41 30.63
N LEU D 178 -1.07 -31.51 29.86
CA LEU D 178 -1.18 -32.87 30.39
C LEU D 178 -0.09 -33.73 29.76
N GLN D 179 0.49 -34.61 30.58
CA GLN D 179 1.46 -35.58 30.09
C GLN D 179 1.13 -36.96 30.64
N ARG D 180 1.16 -37.96 29.77
CA ARG D 180 0.91 -39.37 30.01
C ARG D 180 2.22 -40.13 30.05
N PRO D 181 2.26 -41.29 30.70
CA PRO D 181 3.53 -42.02 30.85
C PRO D 181 4.15 -42.35 29.50
N GLY D 182 5.47 -42.22 29.44
CA GLY D 182 6.20 -42.46 28.21
C GLY D 182 5.90 -41.52 27.08
N GLN D 183 5.30 -40.37 27.36
CA GLN D 183 4.83 -39.45 26.33
C GLN D 183 5.33 -38.03 26.59
N SER D 184 5.04 -37.15 25.63
CA SER D 184 5.25 -35.72 25.50
C SER D 184 3.96 -34.97 25.81
N PRO D 185 4.04 -33.72 26.27
CA PRO D 185 2.82 -33.00 26.66
C PRO D 185 1.98 -32.61 25.46
N GLN D 186 0.76 -32.20 25.75
CA GLN D 186 -0.14 -31.64 24.75
C GLN D 186 -0.88 -30.48 25.39
N LEU D 187 -1.41 -29.60 24.55
CA LEU D 187 -2.04 -28.37 25.02
C LEU D 187 -3.50 -28.65 25.34
N LEU D 188 -3.84 -28.62 26.62
CA LEU D 188 -5.23 -28.71 27.04
C LEU D 188 -5.90 -27.33 27.00
N ILE D 189 -5.33 -26.37 27.70
CA ILE D 189 -5.91 -25.03 27.82
C ILE D 189 -4.85 -24.01 27.48
N TYR D 190 -5.21 -23.00 26.67
CA TYR D 190 -4.31 -21.88 26.42
C TYR D 190 -5.02 -20.59 26.77
N ARG D 191 -4.29 -19.69 27.44
CA ARG D 191 -4.81 -18.43 27.97
C ARG D 191 -5.99 -18.67 28.91
N MET D 192 -5.90 -19.74 29.69
CA MET D 192 -6.68 -19.95 30.91
C MET D 192 -8.15 -20.27 30.65
N SER D 193 -8.61 -20.09 29.42
CA SER D 193 -10.02 -20.29 29.13
C SER D 193 -10.30 -21.01 27.81
N ASN D 194 -9.32 -21.16 26.93
CA ASN D 194 -9.55 -21.69 25.60
C ASN D 194 -9.12 -23.15 25.52
N LEU D 195 -9.85 -23.91 24.71
CA LEU D 195 -9.63 -25.35 24.56
C LEU D 195 -9.05 -25.60 23.17
N ALA D 196 -7.86 -26.17 23.14
CA ALA D 196 -7.20 -26.42 21.86
C ALA D 196 -7.94 -27.50 21.08
N SER D 197 -8.12 -27.25 19.78
CA SER D 197 -8.84 -28.19 18.93
C SER D 197 -7.98 -29.42 18.68
N GLY D 198 -8.62 -30.59 18.68
CA GLY D 198 -7.93 -31.85 18.59
C GLY D 198 -7.86 -32.64 19.88
N VAL D 199 -8.52 -32.19 20.93
CA VAL D 199 -8.57 -32.90 22.21
C VAL D 199 -10.04 -33.06 22.58
N PRO D 200 -10.41 -34.07 23.36
CA PRO D 200 -11.82 -34.26 23.72
C PRO D 200 -12.38 -33.04 24.42
N ASP D 201 -13.63 -32.71 24.10
CA ASP D 201 -14.29 -31.52 24.63
C ASP D 201 -15.01 -31.80 25.94
N ARG D 202 -14.29 -32.37 26.90
CA ARG D 202 -14.82 -32.57 28.25
C ARG D 202 -13.90 -31.95 29.30
N PHE D 203 -12.97 -31.11 28.88
CA PHE D 203 -12.06 -30.40 29.77
C PHE D 203 -12.59 -28.99 30.01
N SER D 204 -12.06 -28.35 31.05
CA SER D 204 -12.42 -26.96 31.31
C SER D 204 -11.35 -26.32 32.18
N GLY D 205 -11.33 -25.00 32.16
CA GLY D 205 -10.42 -24.24 33.00
C GLY D 205 -11.08 -22.96 33.47
N SER D 206 -10.72 -22.55 34.68
CA SER D 206 -11.33 -21.38 35.31
C SER D 206 -10.43 -20.90 36.44
N GLY D 207 -10.95 -20.02 37.27
CA GLY D 207 -10.25 -19.52 38.44
C GLY D 207 -10.26 -18.01 38.48
N SER D 208 -9.59 -17.48 39.51
CA SER D 208 -9.45 -16.04 39.70
C SER D 208 -7.97 -15.72 39.84
N GLY D 209 -7.67 -14.43 40.03
CA GLY D 209 -6.31 -13.94 40.09
C GLY D 209 -5.36 -14.78 40.91
N THR D 210 -4.26 -15.20 40.28
CA THR D 210 -3.17 -15.97 40.89
C THR D 210 -3.60 -17.33 41.40
N ALA D 211 -4.85 -17.73 41.18
CA ALA D 211 -5.38 -19.00 41.71
C ALA D 211 -6.30 -19.61 40.66
N PHE D 212 -5.82 -20.59 39.92
CA PHE D 212 -6.57 -21.10 38.78
C PHE D 212 -6.67 -22.62 38.83
N THR D 213 -7.58 -23.16 38.03
CA THR D 213 -8.05 -24.54 38.19
C THR D 213 -8.39 -25.16 36.84
N LEU D 214 -7.94 -26.41 36.65
CA LEU D 214 -8.32 -27.28 35.55
C LEU D 214 -9.31 -28.32 36.04
N THR D 215 -10.20 -28.74 35.13
CA THR D 215 -11.21 -29.74 35.44
C THR D 215 -11.32 -30.73 34.29
N ILE D 216 -11.19 -32.01 34.61
CA ILE D 216 -11.44 -33.10 33.66
C ILE D 216 -12.72 -33.79 34.10
N SER D 217 -13.79 -33.56 33.34
CA SER D 217 -15.12 -34.06 33.70
C SER D 217 -15.32 -35.46 33.13
N ARG D 218 -15.92 -36.34 33.95
CA ARG D 218 -16.21 -37.71 33.58
C ARG D 218 -14.92 -38.44 33.17
N LEU D 219 -14.05 -38.62 34.16
CA LEU D 219 -12.75 -39.23 33.92
C LEU D 219 -12.89 -40.62 33.31
N GLU D 220 -12.14 -40.88 32.24
CA GLU D 220 -12.07 -42.18 31.61
C GLU D 220 -10.62 -42.68 31.66
N ALA D 221 -10.40 -43.84 31.05
CA ALA D 221 -9.06 -44.39 30.97
C ALA D 221 -8.20 -43.53 30.04
N GLU D 222 -6.88 -43.66 30.20
CA GLU D 222 -5.89 -42.90 29.43
C GLU D 222 -6.04 -41.40 29.65
N ASP D 223 -6.71 -41.00 30.73
CA ASP D 223 -6.90 -39.59 31.06
C ASP D 223 -6.34 -39.27 32.44
N VAL D 224 -5.38 -40.06 32.89
CA VAL D 224 -4.70 -39.85 34.16
C VAL D 224 -3.20 -39.71 33.90
N GLY D 225 -2.54 -38.93 34.73
CA GLY D 225 -1.14 -38.61 34.50
C GLY D 225 -0.78 -37.32 35.21
N VAL D 226 0.24 -36.65 34.70
CA VAL D 226 0.75 -35.44 35.33
C VAL D 226 0.15 -34.21 34.64
N TYR D 227 -0.23 -33.22 35.43
CA TYR D 227 -0.85 -32.00 34.94
C TYR D 227 -0.02 -30.80 35.37
N TYR D 228 0.06 -29.81 34.48
CA TYR D 228 0.91 -28.65 34.68
C TYR D 228 0.18 -27.39 34.28
N CYS D 229 0.66 -26.27 34.84
CA CYS D 229 0.23 -24.93 34.45
C CYS D 229 1.46 -24.07 34.13
N MET D 230 1.21 -22.98 33.42
CA MET D 230 2.24 -22.10 32.88
C MET D 230 1.75 -20.66 32.91
N GLN D 231 2.71 -19.73 33.02
CA GLN D 231 2.47 -18.30 32.89
C GLN D 231 3.33 -17.76 31.75
N HIS D 232 2.72 -16.92 30.91
CA HIS D 232 3.39 -16.29 29.77
C HIS D 232 3.03 -14.81 29.71
N LEU D 233 3.18 -14.10 30.83
CA LEU D 233 2.92 -12.67 30.85
C LEU D 233 4.18 -11.85 30.66
N GLU D 234 5.34 -12.37 31.06
CA GLU D 234 6.59 -11.64 30.92
C GLU D 234 7.73 -12.59 31.24
N TYR D 235 8.84 -12.44 30.53
CA TYR D 235 9.96 -13.37 30.63
C TYR D 235 10.77 -13.09 31.90
N PRO D 236 11.18 -14.14 32.63
CA PRO D 236 11.18 -15.56 32.26
C PRO D 236 9.83 -16.26 32.36
N LEU D 237 9.76 -17.44 31.74
CA LEU D 237 8.63 -18.34 31.86
C LEU D 237 8.93 -19.37 32.94
N THR D 238 7.93 -19.69 33.76
CA THR D 238 8.11 -20.62 34.86
C THR D 238 7.00 -21.66 34.87
N PHE D 239 7.07 -22.57 35.84
CA PHE D 239 6.14 -23.68 35.95
C PHE D 239 5.82 -23.95 37.41
N GLY D 240 5.01 -24.99 37.63
CA GLY D 240 4.72 -25.53 38.93
C GLY D 240 5.43 -26.85 39.17
N ALA D 241 4.82 -27.68 40.02
CA ALA D 241 5.38 -29.00 40.31
C ALA D 241 4.74 -30.10 39.47
N GLY D 242 3.42 -30.03 39.28
CA GLY D 242 2.73 -31.01 38.46
C GLY D 242 1.92 -32.01 39.26
N THR D 243 0.60 -31.88 39.22
CA THR D 243 -0.26 -32.76 39.99
C THR D 243 -0.33 -34.13 39.32
N LYS D 244 -0.13 -35.19 40.10
CA LYS D 244 -0.11 -36.56 39.58
C LYS D 244 -1.47 -37.20 39.86
N LEU D 245 -2.38 -37.06 38.90
CA LEU D 245 -3.67 -37.74 38.97
C LEU D 245 -3.45 -39.22 38.65
N GLU D 246 -3.83 -40.08 39.59
CA GLU D 246 -3.63 -41.51 39.50
C GLU D 246 -4.98 -42.23 39.52
N LEU D 247 -4.93 -43.53 39.31
CA LEU D 247 -6.12 -44.36 39.39
C LEU D 247 -6.32 -44.88 40.81
N THR E 14 18.10 56.22 7.81
CA THR E 14 18.85 55.54 8.86
C THR E 14 19.16 54.11 8.47
N ARG E 15 19.70 53.35 9.43
CA ARG E 15 20.07 51.96 9.19
C ARG E 15 18.96 50.98 9.57
N VAL E 16 17.91 51.47 10.24
CA VAL E 16 16.83 50.60 10.69
C VAL E 16 16.13 49.95 9.51
N THR E 17 15.86 50.73 8.46
CA THR E 17 15.19 50.18 7.28
C THR E 17 16.04 49.10 6.63
N LEU E 18 17.35 49.33 6.52
CA LEU E 18 18.23 48.31 5.94
C LEU E 18 18.19 47.04 6.77
N ALA E 19 18.26 47.17 8.11
CA ALA E 19 18.20 45.97 8.95
C ALA E 19 16.89 45.23 8.78
N PHE E 20 15.78 45.96 8.72
CA PHE E 20 14.47 45.34 8.53
C PHE E 20 14.44 44.54 7.23
N PHE E 21 15.00 45.10 6.17
CA PHE E 21 14.93 44.39 4.89
C PHE E 21 15.84 43.17 4.84
N MET E 22 17.03 43.26 5.45
CA MET E 22 17.88 42.07 5.55
C MET E 22 17.16 40.96 6.31
N SER E 23 16.51 41.29 7.42
CA SER E 23 15.78 40.29 8.18
C SER E 23 14.60 39.73 7.40
N LEU E 24 13.93 40.57 6.61
CA LEU E 24 12.82 40.10 5.79
C LEU E 24 13.28 39.06 4.79
N VAL E 25 14.41 39.31 4.13
CA VAL E 25 14.95 38.34 3.19
C VAL E 25 15.28 37.03 3.91
N ALA E 26 15.90 37.12 5.10
CA ALA E 26 16.23 35.89 5.82
C ALA E 26 14.99 35.07 6.17
N PHE E 27 13.94 35.74 6.64
CA PHE E 27 12.71 35.03 7.00
C PHE E 27 12.10 34.36 5.78
N ALA E 28 12.11 35.05 4.64
CA ALA E 28 11.56 34.46 3.43
C ALA E 28 12.31 33.19 3.03
N ILE E 29 13.64 33.22 3.08
CA ILE E 29 14.42 32.03 2.77
C ILE E 29 14.05 30.88 3.70
N MET E 30 13.99 31.17 5.00
CA MET E 30 13.71 30.15 6.00
C MET E 30 12.38 29.46 5.72
N LEU E 31 11.32 30.26 5.54
CA LEU E 31 10.01 29.68 5.29
C LEU E 31 10.00 28.88 3.99
N GLY E 32 10.66 29.41 2.95
CA GLY E 32 10.64 28.75 1.66
C GLY E 32 11.20 27.34 1.71
N ASN E 33 12.24 27.13 2.50
CA ASN E 33 12.74 25.75 2.57
C ASN E 33 12.06 24.91 3.64
N ALA E 34 11.49 25.55 4.67
CA ALA E 34 10.74 24.79 5.67
C ALA E 34 9.55 24.09 5.04
N LEU E 35 8.86 24.74 4.10
CA LEU E 35 7.70 24.10 3.49
C LEU E 35 8.08 22.84 2.72
N VAL E 36 9.21 22.87 1.99
CA VAL E 36 9.65 21.68 1.29
C VAL E 36 9.93 20.55 2.27
N ILE E 37 10.63 20.86 3.37
CA ILE E 37 10.95 19.81 4.34
C ILE E 37 9.67 19.20 4.92
N LEU E 38 8.70 20.05 5.24
CA LEU E 38 7.45 19.56 5.81
C LEU E 38 6.71 18.66 4.82
N ALA E 39 6.57 19.11 3.57
CA ALA E 39 5.85 18.31 2.59
C ALA E 39 6.62 17.08 2.13
N PHE E 40 7.89 16.96 2.50
CA PHE E 40 8.51 15.66 2.31
C PHE E 40 8.34 14.72 3.49
N VAL E 41 8.37 15.25 4.72
CA VAL E 41 8.21 14.33 5.86
C VAL E 41 6.76 13.91 6.07
N VAL E 42 5.79 14.66 5.55
CA VAL E 42 4.39 14.31 5.78
C VAL E 42 3.95 13.18 4.87
N ASP E 43 4.06 13.37 3.56
CA ASP E 43 3.50 12.41 2.61
C ASP E 43 4.47 11.27 2.35
N LYS E 44 3.95 10.05 2.37
CA LYS E 44 4.75 8.84 2.23
C LYS E 44 4.81 8.31 0.81
N ASN E 45 4.22 9.01 -0.15
CA ASN E 45 4.31 8.64 -1.56
C ASN E 45 5.43 9.36 -2.29
N LEU E 46 6.22 10.17 -1.58
CA LEU E 46 7.31 10.93 -2.16
C LEU E 46 8.64 10.20 -2.05
N ARG E 47 8.64 8.88 -2.04
CA ARG E 47 9.88 8.17 -1.78
C ARG E 47 10.60 7.77 -3.06
N HIS E 48 10.77 8.73 -3.97
CA HIS E 48 11.59 8.55 -5.16
C HIS E 48 12.89 9.33 -5.01
N ARG E 49 13.73 9.25 -6.05
CA ARG E 49 14.99 9.98 -6.00
C ARG E 49 14.78 11.49 -5.97
N SER E 50 13.83 11.97 -6.77
CA SER E 50 13.66 13.41 -6.91
C SER E 50 13.35 14.07 -5.58
N SER E 51 12.47 13.46 -4.78
CA SER E 51 12.08 14.08 -3.53
C SER E 51 13.21 14.07 -2.51
N TYR E 52 14.00 12.99 -2.47
CA TYR E 52 15.16 12.97 -1.59
C TYR E 52 16.14 14.08 -1.95
N PHE E 53 16.42 14.25 -3.24
CA PHE E 53 17.35 15.29 -3.65
C PHE E 53 16.82 16.69 -3.34
N PHE E 54 15.53 16.92 -3.58
CA PHE E 54 14.97 18.23 -3.25
C PHE E 54 15.01 18.49 -1.75
N LEU E 55 14.82 17.45 -0.93
CA LEU E 55 14.94 17.62 0.51
C LEU E 55 16.35 18.01 0.90
N ASN E 56 17.35 17.36 0.30
CA ASN E 56 18.72 17.79 0.54
C ASN E 56 18.91 19.26 0.20
N LEU E 57 18.33 19.70 -0.93
CA LEU E 57 18.42 21.10 -1.33
C LEU E 57 17.82 22.01 -0.26
N ALA E 58 16.61 21.70 0.19
CA ALA E 58 15.94 22.57 1.14
C ALA E 58 16.69 22.64 2.47
N ILE E 59 17.22 21.51 2.95
CA ILE E 59 18.00 21.55 4.18
C ILE E 59 19.25 22.38 4.01
N SER E 60 19.95 22.24 2.88
CA SER E 60 21.15 23.05 2.66
C SER E 60 20.82 24.53 2.57
N ASP E 61 19.61 24.87 2.16
CA ASP E 61 19.24 26.28 2.10
C ASP E 61 18.59 26.79 3.39
N PHE E 62 18.26 25.91 4.33
CA PHE E 62 17.56 26.35 5.54
C PHE E 62 18.45 27.20 6.42
N PHE E 63 19.68 26.75 6.70
CA PHE E 63 20.50 27.35 7.73
C PHE E 63 21.07 28.71 7.34
N VAL E 64 20.94 29.12 6.07
CA VAL E 64 21.34 30.46 5.68
C VAL E 64 20.44 31.50 6.32
N GLY E 65 19.16 31.21 6.46
CA GLY E 65 18.24 32.19 6.98
C GLY E 65 18.16 32.30 8.48
N VAL E 66 18.72 31.35 9.21
CA VAL E 66 18.62 31.35 10.66
C VAL E 66 19.95 31.67 11.34
N ILE E 67 21.08 31.45 10.69
CA ILE E 67 22.39 31.68 11.27
C ILE E 67 23.08 32.88 10.61
N SER E 68 23.36 32.81 9.32
CA SER E 68 24.31 33.72 8.70
C SER E 68 23.81 35.16 8.69
N ILE E 69 22.59 35.39 8.22
CA ILE E 69 22.09 36.74 8.03
C ILE E 69 21.92 37.49 9.35
N PRO E 70 21.22 36.94 10.37
CA PRO E 70 21.03 37.72 11.60
C PRO E 70 22.32 37.92 12.38
N LEU E 71 23.24 36.96 12.32
CA LEU E 71 24.54 37.15 12.94
C LEU E 71 25.38 38.19 12.19
N TYR E 72 25.24 38.27 10.86
CA TYR E 72 26.00 39.23 10.06
C TYR E 72 25.45 40.65 10.16
N ILE E 73 24.17 40.81 10.47
CA ILE E 73 23.59 42.16 10.56
C ILE E 73 24.38 43.08 11.48
N PRO E 74 24.71 42.71 12.73
CA PRO E 74 25.36 43.67 13.62
C PRO E 74 26.83 43.89 13.31
N HIS E 75 27.50 42.90 12.72
CA HIS E 75 28.94 43.03 12.51
C HIS E 75 29.29 44.16 11.55
N THR E 76 28.41 44.48 10.60
CA THR E 76 28.59 45.64 9.74
C THR E 76 27.62 46.75 10.03
N LEU E 77 26.57 46.51 10.82
CA LEU E 77 25.55 47.53 10.97
C LEU E 77 25.77 48.42 12.19
N PHE E 78 25.98 47.83 13.37
CA PHE E 78 26.18 48.60 14.59
C PHE E 78 27.60 48.46 15.15
N GLU E 79 28.02 47.26 15.50
CA GLU E 79 29.28 47.08 16.22
C GLU E 79 29.88 45.73 15.88
N TRP E 80 31.21 45.69 15.74
CA TRP E 80 31.93 44.47 15.37
C TRP E 80 32.08 43.58 16.60
N ASP E 81 30.95 43.05 17.05
CA ASP E 81 30.92 42.20 18.23
C ASP E 81 30.95 40.72 17.83
N PHE E 82 32.08 40.33 17.23
CA PHE E 82 32.33 38.92 16.95
C PHE E 82 33.51 38.38 17.75
N GLY E 83 34.70 38.90 17.54
CA GLY E 83 35.89 38.17 17.95
C GLY E 83 36.10 36.92 17.11
N LYS E 84 37.29 36.32 17.23
CA LYS E 84 37.60 35.16 16.43
C LYS E 84 36.66 34.00 16.74
N GLU E 85 36.40 33.77 18.02
CA GLU E 85 35.68 32.57 18.44
C GLU E 85 34.27 32.51 17.86
N ILE E 86 33.72 33.63 17.39
CA ILE E 86 32.42 33.64 16.75
C ILE E 86 32.54 33.80 15.25
N CYS E 87 33.49 34.62 14.77
CA CYS E 87 33.49 34.89 13.34
C CYS E 87 34.02 33.69 12.56
N VAL E 88 34.88 32.86 13.16
CA VAL E 88 35.29 31.64 12.47
C VAL E 88 34.08 30.76 12.20
N PHE E 89 33.21 30.61 13.21
CA PHE E 89 32.00 29.81 13.06
C PHE E 89 31.09 30.39 11.99
N TRP E 90 30.94 31.72 11.99
CA TRP E 90 30.05 32.35 11.03
C TRP E 90 30.52 32.12 9.59
N LEU E 91 31.82 32.35 9.34
CA LEU E 91 32.36 32.13 8.01
C LEU E 91 32.16 30.69 7.55
N THR E 92 32.53 29.74 8.42
CA THR E 92 32.47 28.33 8.01
C THR E 92 31.05 27.91 7.67
N THR E 93 30.09 28.26 8.54
CA THR E 93 28.71 27.91 8.28
C THR E 93 28.23 28.48 6.95
N ASP E 94 28.46 29.78 6.74
CA ASP E 94 27.91 30.45 5.56
C ASP E 94 28.45 29.84 4.27
N TYR E 95 29.77 29.67 4.19
CA TYR E 95 30.36 29.13 2.97
C TYR E 95 29.87 27.72 2.70
N LEU E 96 29.82 26.88 3.75
CA LEU E 96 29.39 25.49 3.56
C LEU E 96 27.98 25.45 2.98
N LEU E 97 27.07 26.23 3.54
CA LEU E 97 25.69 26.18 3.08
C LEU E 97 25.57 26.59 1.61
N CYS E 98 26.22 27.70 1.23
CA CYS E 98 26.06 28.16 -0.15
C CYS E 98 26.60 27.13 -1.16
N THR E 99 27.79 26.59 -0.89
CA THR E 99 28.34 25.62 -1.83
C THR E 99 27.47 24.38 -1.93
N ALA E 100 26.92 23.92 -0.80
CA ALA E 100 26.06 22.75 -0.85
C ALA E 100 24.81 22.99 -1.68
N SER E 101 24.25 24.21 -1.61
CA SER E 101 23.07 24.52 -2.42
C SER E 101 23.36 24.41 -3.91
N VAL E 102 24.48 24.98 -4.35
CA VAL E 102 24.83 24.89 -5.77
C VAL E 102 25.02 23.43 -6.18
N TYR E 103 25.70 22.64 -5.35
CA TYR E 103 25.94 21.26 -5.73
C TYR E 103 24.65 20.44 -5.81
N ASN E 104 23.65 20.76 -4.98
CA ASN E 104 22.37 20.10 -5.13
C ASN E 104 21.69 20.48 -6.45
N ILE E 105 21.83 21.74 -6.88
CA ILE E 105 21.30 22.12 -8.19
C ILE E 105 21.89 21.23 -9.30
N VAL E 106 23.20 21.07 -9.28
CA VAL E 106 23.83 20.22 -10.29
C VAL E 106 23.32 18.79 -10.22
N LEU E 107 23.14 18.25 -9.00
CA LEU E 107 22.70 16.86 -8.88
C LEU E 107 21.30 16.66 -9.42
N ILE E 108 20.39 17.60 -9.14
CA ILE E 108 19.06 17.48 -9.73
C ILE E 108 19.14 17.52 -11.25
N SER E 109 19.94 18.42 -11.81
CA SER E 109 20.01 18.49 -13.27
C SER E 109 20.62 17.21 -13.87
N TYR E 110 21.55 16.57 -13.17
CA TYR E 110 22.09 15.30 -13.68
C TYR E 110 21.07 14.19 -13.63
N ASP E 111 20.27 14.15 -12.58
CA ASP E 111 19.11 13.26 -12.57
C ASP E 111 18.25 13.51 -13.80
N ARG E 112 18.00 14.80 -14.09
CA ARG E 112 17.16 15.14 -15.24
C ARG E 112 17.79 14.73 -16.56
N TYR E 113 19.11 14.83 -16.69
CA TYR E 113 19.74 14.41 -17.94
C TYR E 113 19.69 12.89 -18.10
N LEU E 114 20.01 12.14 -17.05
CA LEU E 114 19.87 10.70 -17.14
C LEU E 114 18.42 10.31 -17.41
N SER E 115 17.49 11.19 -17.09
CA SER E 115 16.08 10.94 -17.36
C SER E 115 15.79 10.77 -18.84
N VAL E 116 16.35 11.64 -19.70
CA VAL E 116 16.04 11.57 -21.12
C VAL E 116 17.29 11.44 -21.98
N SER E 117 18.34 10.84 -21.42
CA SER E 117 19.52 10.48 -22.21
C SER E 117 19.58 9.01 -22.55
N ASN E 118 19.42 8.13 -21.55
CA ASN E 118 19.30 6.69 -21.76
C ASN E 118 18.20 6.22 -20.81
N ALA E 119 16.96 6.22 -21.30
CA ALA E 119 15.81 5.94 -20.45
C ALA E 119 15.51 4.46 -20.30
N VAL E 120 16.13 3.59 -21.09
CA VAL E 120 15.94 2.15 -20.91
C VAL E 120 16.55 1.71 -19.59
N SER E 121 17.80 2.09 -19.34
CA SER E 121 18.49 1.74 -18.10
C SER E 121 17.98 2.53 -16.91
N TYR E 122 17.17 3.57 -17.13
CA TYR E 122 16.65 4.40 -16.07
C TYR E 122 15.29 3.92 -15.56
N ARG E 123 14.84 2.73 -15.99
CA ARG E 123 13.51 2.27 -15.64
C ARG E 123 13.46 0.97 -14.86
N THR E 124 14.55 0.20 -14.80
CA THR E 124 14.52 -1.11 -14.16
C THR E 124 15.67 -1.26 -13.18
N GLN E 125 15.80 -0.29 -12.29
CA GLN E 125 16.71 -0.37 -11.15
C GLN E 125 15.88 -0.34 -9.86
N HIS E 126 16.34 -1.06 -8.86
CA HIS E 126 15.58 -1.25 -7.62
C HIS E 126 16.45 -1.06 -6.39
N THR E 127 17.22 0.02 -6.35
CA THR E 127 18.07 0.33 -5.20
C THR E 127 17.33 1.31 -4.30
N GLY E 128 17.22 0.98 -3.01
CA GLY E 128 16.28 1.68 -2.17
C GLY E 128 16.76 2.86 -1.33
N VAL E 129 17.72 2.64 -0.42
CA VAL E 129 18.08 3.70 0.52
C VAL E 129 19.59 3.94 0.59
N LEU E 130 20.37 2.86 0.74
CA LEU E 130 21.81 3.01 0.94
C LEU E 130 22.45 3.87 -0.14
N LYS E 131 22.13 3.60 -1.41
CA LYS E 131 22.70 4.40 -2.50
C LYS E 131 22.26 5.87 -2.40
N ILE E 132 20.97 6.10 -2.15
CA ILE E 132 20.45 7.45 -2.18
C ILE E 132 21.04 8.29 -1.05
N VAL E 133 21.08 7.73 0.16
CA VAL E 133 21.67 8.45 1.28
C VAL E 133 23.17 8.58 1.10
N THR E 134 23.81 7.61 0.46
CA THR E 134 25.22 7.77 0.12
C THR E 134 25.44 9.04 -0.71
N LEU E 135 24.61 9.25 -1.72
CA LEU E 135 24.71 10.48 -2.52
C LEU E 135 24.39 11.72 -1.69
N MET E 136 23.30 11.66 -0.91
CA MET E 136 22.88 12.79 -0.11
C MET E 136 23.93 13.20 0.92
N VAL E 137 24.86 12.32 1.26
CA VAL E 137 25.90 12.64 2.23
C VAL E 137 27.20 13.01 1.53
N ALA E 138 27.45 12.40 0.37
CA ALA E 138 28.60 12.81 -0.42
C ALA E 138 28.49 14.27 -0.83
N VAL E 139 27.27 14.77 -1.02
CA VAL E 139 27.12 16.19 -1.35
C VAL E 139 27.73 17.08 -0.26
N TRP E 140 27.35 16.84 1.00
CA TRP E 140 27.83 17.70 2.07
C TRP E 140 29.31 17.51 2.33
N VAL E 141 29.78 16.26 2.26
CA VAL E 141 31.21 16.02 2.48
C VAL E 141 32.03 16.74 1.41
N LEU E 142 31.58 16.69 0.15
CA LEU E 142 32.31 17.36 -0.93
C LEU E 142 32.28 18.87 -0.77
N ALA E 143 31.12 19.43 -0.42
CA ALA E 143 31.03 20.87 -0.18
C ALA E 143 32.01 21.30 0.92
N PHE E 144 32.01 20.59 2.05
CA PHE E 144 32.94 20.95 3.11
C PHE E 144 34.38 20.86 2.64
N LEU E 145 34.80 19.67 2.18
CA LEU E 145 36.19 19.50 1.83
C LEU E 145 36.65 20.39 0.69
N VAL E 146 35.72 20.99 -0.06
CA VAL E 146 36.15 21.99 -1.05
C VAL E 146 36.30 23.35 -0.40
N ASN E 147 35.31 23.79 0.38
CA ASN E 147 35.29 25.19 0.80
C ASN E 147 35.85 25.44 2.21
N GLY E 148 35.43 24.64 3.19
CA GLY E 148 35.64 24.92 4.60
C GLY E 148 37.05 24.94 5.13
N PRO E 149 37.85 23.89 4.88
CA PRO E 149 39.18 23.80 5.49
C PRO E 149 40.10 24.97 5.21
N MET E 150 39.73 25.91 4.36
CA MET E 150 40.59 27.06 4.08
C MET E 150 40.30 28.26 4.97
N ILE E 151 39.06 28.41 5.43
CA ILE E 151 38.73 29.54 6.31
C ILE E 151 39.46 29.40 7.64
N LEU E 152 39.53 28.19 8.18
CA LEU E 152 40.13 28.00 9.50
C LEU E 152 41.63 28.16 9.47
N VAL E 153 42.28 27.87 8.35
CA VAL E 153 43.73 27.86 8.30
C VAL E 153 44.24 29.28 8.04
N SER E 154 43.31 30.21 7.86
CA SER E 154 43.67 31.60 7.67
C SER E 154 44.01 32.23 9.01
N GLU E 155 45.14 32.95 9.05
CA GLU E 155 45.62 33.59 10.27
C GLU E 155 45.87 35.08 10.13
N SER E 156 46.28 35.55 8.94
CA SER E 156 46.57 36.95 8.76
C SER E 156 45.33 37.83 8.89
N TRP E 157 44.14 37.24 8.74
CA TRP E 157 42.86 37.93 8.83
C TRP E 157 42.51 38.40 10.22
N LYS E 158 43.40 38.24 11.20
CA LYS E 158 43.12 38.57 12.60
C LYS E 158 43.72 39.90 13.02
N ASP E 159 44.11 40.75 12.07
CA ASP E 159 44.66 42.06 12.42
C ASP E 159 43.61 42.88 13.16
N GLU E 160 44.05 43.64 14.15
CA GLU E 160 43.14 44.41 14.98
C GLU E 160 42.40 45.45 14.15
N GLY E 161 41.13 45.66 14.49
CA GLY E 161 40.31 46.63 13.80
C GLY E 161 39.87 46.24 12.41
N SER E 162 40.07 44.98 12.02
CA SER E 162 39.75 44.53 10.67
C SER E 162 38.31 44.03 10.61
N GLU E 163 37.62 44.40 9.52
CA GLU E 163 36.38 43.74 9.19
C GLU E 163 36.67 42.27 8.89
N CYS E 164 35.78 41.40 9.34
CA CYS E 164 36.07 39.98 9.36
C CYS E 164 35.63 39.35 8.04
N GLU E 165 36.58 38.76 7.33
CA GLU E 165 36.38 38.11 6.03
C GLU E 165 37.67 37.34 5.74
N PRO E 166 37.59 36.15 5.16
CA PRO E 166 38.72 35.23 5.17
C PRO E 166 40.02 35.85 4.70
N GLY E 167 41.13 35.37 5.26
CA GLY E 167 42.42 35.92 4.94
C GLY E 167 42.82 35.75 3.49
N PHE E 168 42.40 34.64 2.85
CA PHE E 168 42.84 34.39 1.49
C PHE E 168 42.30 35.39 0.48
N PHE E 169 41.49 36.37 0.90
CA PHE E 169 41.20 37.49 0.03
C PHE E 169 42.47 38.20 -0.42
N SER E 170 43.54 38.09 0.37
CA SER E 170 44.83 38.65 -0.02
C SER E 170 45.47 37.89 -1.16
N GLU E 171 44.93 36.73 -1.55
CA GLU E 171 45.46 35.95 -2.65
C GLU E 171 44.35 35.76 -3.67
N TRP E 172 44.51 36.35 -4.86
CA TRP E 172 43.51 36.20 -5.91
C TRP E 172 43.54 34.81 -6.54
N TYR E 173 44.68 34.12 -6.48
CA TYR E 173 44.76 32.76 -7.03
C TYR E 173 43.83 31.82 -6.27
N ILE E 174 43.78 31.96 -4.95
CA ILE E 174 42.91 31.11 -4.15
C ILE E 174 41.45 31.37 -4.51
N LEU E 175 41.08 32.64 -4.66
CA LEU E 175 39.73 32.97 -5.10
C LEU E 175 39.43 32.39 -6.47
N ALA E 176 40.42 32.41 -7.38
CA ALA E 176 40.22 31.85 -8.71
C ALA E 176 39.96 30.35 -8.63
N ILE E 177 40.72 29.63 -7.81
CA ILE E 177 40.50 28.18 -7.70
C ILE E 177 39.13 27.90 -7.11
N THR E 178 38.76 28.63 -6.06
CA THR E 178 37.47 28.40 -5.43
C THR E 178 36.33 28.68 -6.39
N SER E 179 36.39 29.78 -7.13
CA SER E 179 35.33 30.14 -8.05
C SER E 179 35.29 29.22 -9.27
N PHE E 180 36.45 28.68 -9.68
CA PHE E 180 36.45 27.67 -10.74
C PHE E 180 35.79 26.38 -10.29
N LEU E 181 36.05 25.95 -9.06
CA LEU E 181 35.43 24.74 -8.54
C LEU E 181 34.03 24.98 -7.97
N GLU E 182 33.49 26.18 -8.09
CA GLU E 182 32.11 26.34 -7.72
C GLU E 182 31.27 27.21 -8.64
N PHE E 183 31.83 27.83 -9.67
CA PHE E 183 30.98 28.56 -10.61
C PHE E 183 31.06 28.05 -12.03
N VAL E 184 32.27 27.79 -12.54
CA VAL E 184 32.41 27.38 -13.93
C VAL E 184 31.79 26.00 -14.16
N ILE E 185 32.14 25.02 -13.31
CA ILE E 185 31.67 23.65 -13.51
C ILE E 185 30.15 23.53 -13.43
N PRO E 186 29.48 24.07 -12.42
CA PRO E 186 28.01 23.98 -12.42
C PRO E 186 27.33 24.59 -13.64
N VAL E 187 27.77 25.75 -14.13
CA VAL E 187 27.08 26.32 -15.29
C VAL E 187 27.35 25.49 -16.55
N ILE E 188 28.58 24.99 -16.72
CA ILE E 188 28.84 24.13 -17.86
C ILE E 188 27.94 22.89 -17.80
N LEU E 189 27.87 22.24 -16.65
CA LEU E 189 27.12 20.99 -16.56
C LEU E 189 25.63 21.22 -16.77
N VAL E 190 25.08 22.29 -16.18
CA VAL E 190 23.66 22.54 -16.36
C VAL E 190 23.33 22.88 -17.81
N ALA E 191 24.16 23.72 -18.46
CA ALA E 191 23.91 24.05 -19.86
C ALA E 191 24.00 22.82 -20.77
N TYR E 192 24.99 21.96 -20.55
CA TYR E 192 25.09 20.75 -21.35
C TYR E 192 23.89 19.84 -21.16
N PHE E 193 23.47 19.62 -19.91
CA PHE E 193 22.35 18.72 -19.68
C PHE E 193 21.09 19.25 -20.33
N ASN E 194 20.85 20.54 -20.22
CA ASN E 194 19.63 21.10 -20.81
C ASN E 194 19.67 21.07 -22.34
N MET E 195 20.82 21.37 -22.95
CA MET E 195 20.90 21.29 -24.41
C MET E 195 20.70 19.86 -24.91
N ASN E 196 21.26 18.88 -24.21
CA ASN E 196 21.03 17.50 -24.62
C ASN E 196 19.58 17.10 -24.46
N ILE E 197 18.92 17.58 -23.41
CA ILE E 197 17.48 17.34 -23.29
C ILE E 197 16.75 17.87 -24.51
N TYR E 198 17.07 19.10 -24.91
CA TYR E 198 16.39 19.70 -26.05
C TYR E 198 16.61 18.91 -27.32
N TRP E 199 17.87 18.60 -27.63
CA TRP E 199 18.15 17.85 -28.86
C TRP E 199 17.47 16.50 -28.84
N SER E 200 17.57 15.78 -27.72
CA SER E 200 17.01 14.44 -27.64
C SER E 200 15.49 14.44 -27.72
N LEU E 201 14.83 15.57 -27.43
CA LEU E 201 13.40 15.67 -27.69
C LEU E 201 13.09 16.08 -29.12
N TRP E 202 13.78 17.08 -29.65
CA TRP E 202 13.46 17.66 -30.96
C TRP E 202 13.83 16.77 -32.13
N LYS E 203 14.92 16.03 -32.06
CA LYS E 203 15.27 15.06 -33.09
C LYS E 203 14.32 13.87 -33.06
N VAL E 293 2.13 22.74 -33.62
CA VAL E 293 2.17 21.61 -32.71
C VAL E 293 3.58 21.43 -32.16
N GLU E 294 4.47 20.89 -32.99
CA GLU E 294 5.83 20.63 -32.55
C GLU E 294 6.57 21.94 -32.25
N LEU E 295 6.32 22.98 -33.05
CA LEU E 295 7.02 24.24 -32.85
C LEU E 295 6.72 24.85 -31.48
N LEU E 296 5.45 24.82 -31.06
CA LEU E 296 5.09 25.40 -29.77
C LEU E 296 5.78 24.66 -28.62
N ARG E 297 5.77 23.33 -28.68
CA ARG E 297 6.42 22.55 -27.63
C ARG E 297 7.92 22.82 -27.60
N ALA E 298 8.56 22.86 -28.77
CA ALA E 298 10.00 23.14 -28.81
C ALA E 298 10.32 24.50 -28.24
N ARG E 299 9.51 25.51 -28.58
CA ARG E 299 9.74 26.86 -28.05
C ARG E 299 9.55 26.89 -26.53
N ARG E 300 8.51 26.22 -26.02
CA ARG E 300 8.31 26.19 -24.58
C ARG E 300 9.48 25.55 -23.86
N LEU E 301 9.96 24.41 -24.37
CA LEU E 301 11.08 23.74 -23.72
C LEU E 301 12.33 24.61 -23.74
N ALA E 302 12.63 25.23 -24.89
CA ALA E 302 13.80 26.09 -24.96
C ALA E 302 13.69 27.26 -23.98
N LYS E 303 12.52 27.87 -23.90
CA LYS E 303 12.35 29.01 -23.01
C LYS E 303 12.57 28.61 -21.55
N SER E 304 11.97 27.50 -21.11
CA SER E 304 12.11 27.12 -19.71
C SER E 304 13.54 26.80 -19.33
N LEU E 305 14.23 26.06 -20.21
CA LEU E 305 15.62 25.74 -19.92
C LEU E 305 16.49 27.00 -19.86
N ALA E 306 16.24 27.94 -20.78
CA ALA E 306 16.98 29.20 -20.76
C ALA E 306 16.72 29.97 -19.48
N ILE E 307 15.48 29.99 -19.00
CA ILE E 307 15.16 30.70 -17.76
C ILE E 307 15.96 30.13 -16.59
N LEU E 308 15.99 28.80 -16.46
CA LEU E 308 16.75 28.20 -15.36
C LEU E 308 18.22 28.59 -15.41
N LEU E 309 18.85 28.36 -16.56
CA LEU E 309 20.28 28.65 -16.67
C LEU E 309 20.57 30.14 -16.46
N GLY E 310 19.69 31.01 -16.96
CA GLY E 310 19.92 32.43 -16.84
C GLY E 310 19.81 32.93 -15.41
N VAL E 311 18.82 32.44 -14.67
CA VAL E 311 18.71 32.84 -13.26
C VAL E 311 19.96 32.41 -12.50
N PHE E 312 20.42 31.18 -12.73
CA PHE E 312 21.67 30.76 -12.10
C PHE E 312 22.81 31.74 -12.40
N ALA E 313 23.02 32.03 -13.69
CA ALA E 313 24.16 32.87 -14.08
C ALA E 313 24.05 34.28 -13.52
N VAL E 314 22.87 34.89 -13.62
CA VAL E 314 22.69 36.26 -13.13
C VAL E 314 22.92 36.32 -11.62
N CYS E 315 22.37 35.38 -10.86
CA CYS E 315 22.50 35.48 -9.42
C CYS E 315 23.85 35.03 -8.87
N TRP E 316 24.72 34.42 -9.69
CA TRP E 316 26.02 34.04 -9.14
C TRP E 316 27.26 34.57 -9.87
N ALA E 317 27.13 35.30 -10.97
CA ALA E 317 28.34 35.79 -11.64
C ALA E 317 28.95 37.08 -11.08
N PRO E 318 28.15 38.12 -10.81
CA PRO E 318 28.76 39.42 -10.47
C PRO E 318 29.70 39.38 -9.28
N TYR E 319 29.36 38.67 -8.21
CA TYR E 319 30.18 38.75 -7.01
C TYR E 319 31.55 38.12 -7.23
N SER E 320 31.58 36.95 -7.86
CA SER E 320 32.87 36.32 -8.13
C SER E 320 33.70 37.21 -9.04
N LEU E 321 33.09 37.74 -10.11
CA LEU E 321 33.85 38.59 -11.03
C LEU E 321 34.37 39.84 -10.34
N PHE E 322 33.53 40.49 -9.54
CA PHE E 322 33.90 41.76 -8.92
C PHE E 322 34.95 41.53 -7.84
N THR E 323 34.83 40.45 -7.07
CA THR E 323 35.82 40.14 -6.05
C THR E 323 37.18 39.85 -6.67
N ILE E 324 37.22 39.06 -7.74
CA ILE E 324 38.51 38.79 -8.34
C ILE E 324 39.07 40.06 -8.99
N VAL E 325 38.21 40.92 -9.53
CA VAL E 325 38.66 42.19 -10.10
C VAL E 325 39.33 43.04 -9.03
N LEU E 326 38.66 43.22 -7.89
CA LEU E 326 39.22 44.06 -6.83
C LEU E 326 40.48 43.45 -6.24
N SER E 327 40.54 42.13 -6.14
CA SER E 327 41.71 41.50 -5.56
C SER E 327 42.88 41.40 -6.52
N PHE E 328 42.68 41.62 -7.82
CA PHE E 328 43.79 41.47 -8.76
C PHE E 328 44.89 42.50 -8.46
N TYR E 329 44.59 43.77 -8.62
CA TYR E 329 45.60 44.77 -8.27
C TYR E 329 45.08 45.84 -7.31
N SER E 330 43.82 46.24 -7.43
CA SER E 330 43.27 47.32 -6.62
C SER E 330 42.90 46.80 -5.23
N SER E 331 43.91 46.28 -4.54
CA SER E 331 43.74 45.70 -3.21
C SER E 331 43.20 46.72 -2.22
N LYS E 336 34.22 49.91 1.02
CA LYS E 336 33.81 49.21 -0.19
C LYS E 336 32.70 49.98 -0.91
N SER E 337 32.72 49.94 -2.23
CA SER E 337 31.71 50.65 -3.01
C SER E 337 30.36 49.95 -2.91
N VAL E 338 29.31 50.66 -3.35
CA VAL E 338 27.95 50.15 -3.22
C VAL E 338 27.74 48.90 -4.07
N TRP E 339 28.37 48.82 -5.24
CA TRP E 339 28.20 47.66 -6.09
C TRP E 339 28.76 46.40 -5.42
N TYR E 340 29.73 46.56 -4.52
CA TYR E 340 30.21 45.41 -3.77
C TYR E 340 29.11 44.83 -2.87
N ARG E 341 28.36 45.70 -2.19
CA ARG E 341 27.21 45.23 -1.43
C ARG E 341 26.17 44.60 -2.34
N ILE E 342 25.96 45.19 -3.53
CA ILE E 342 24.99 44.64 -4.46
C ILE E 342 25.34 43.21 -4.82
N ALA E 343 26.59 42.96 -5.21
CA ALA E 343 27.01 41.61 -5.56
C ALA E 343 26.95 40.67 -4.36
N PHE E 344 27.37 41.17 -3.19
CA PHE E 344 27.38 40.37 -1.97
C PHE E 344 26.01 39.82 -1.67
N TRP E 345 25.00 40.69 -1.65
CA TRP E 345 23.65 40.21 -1.35
C TRP E 345 23.03 39.45 -2.52
N LEU E 346 23.47 39.73 -3.75
CA LEU E 346 22.97 38.98 -4.88
C LEU E 346 23.36 37.52 -4.78
N GLN E 347 24.51 37.23 -4.16
CA GLN E 347 24.88 35.83 -3.90
C GLN E 347 23.83 35.12 -3.05
N TRP E 348 23.46 35.70 -1.90
CA TRP E 348 22.44 35.08 -1.05
C TRP E 348 21.08 35.07 -1.71
N PHE E 349 20.83 35.94 -2.68
CA PHE E 349 19.48 36.01 -3.21
C PHE E 349 19.09 34.82 -4.06
N ASN E 350 19.99 33.85 -4.30
CA ASN E 350 19.61 32.64 -5.03
C ASN E 350 18.68 31.77 -4.21
N SER E 351 19.01 31.56 -2.93
CA SER E 351 18.20 30.69 -2.08
C SER E 351 16.79 31.21 -1.89
N PHE E 352 16.47 32.40 -2.38
CA PHE E 352 15.09 32.83 -2.42
C PHE E 352 14.30 32.12 -3.50
N VAL E 353 14.91 31.96 -4.69
CA VAL E 353 14.22 31.41 -5.85
C VAL E 353 14.45 29.92 -6.04
N ASN E 354 15.55 29.37 -5.51
CA ASN E 354 15.81 27.94 -5.68
C ASN E 354 14.69 27.04 -5.16
N PRO E 355 13.92 27.39 -4.14
CA PRO E 355 12.70 26.64 -3.84
C PRO E 355 11.48 27.04 -4.65
N LEU E 356 11.64 27.77 -5.75
CA LEU E 356 10.51 28.16 -6.57
C LEU E 356 10.59 27.66 -8.00
N LEU E 357 11.77 27.44 -8.54
CA LEU E 357 11.86 26.89 -9.89
C LEU E 357 11.70 25.37 -9.87
N TYR E 358 12.53 24.68 -9.10
CA TYR E 358 12.62 23.23 -9.20
C TYR E 358 11.47 22.49 -8.51
N PRO E 359 11.27 22.61 -7.20
CA PRO E 359 10.30 21.75 -6.53
C PRO E 359 8.89 22.32 -6.43
N LEU E 360 8.55 23.33 -7.22
CA LEU E 360 7.20 23.86 -7.26
C LEU E 360 6.51 23.64 -8.59
N CYS E 361 7.27 23.51 -9.68
CA CYS E 361 6.67 23.13 -10.95
C CYS E 361 6.28 21.65 -10.95
N HIS E 362 7.03 20.83 -10.22
CA HIS E 362 6.85 19.38 -10.23
C HIS E 362 5.42 19.01 -9.87
N LYS E 363 4.88 17.99 -10.57
CA LYS E 363 3.47 17.64 -10.39
C LYS E 363 3.25 16.93 -9.06
N ARG E 364 4.14 16.02 -8.69
CA ARG E 364 3.98 15.29 -7.44
C ARG E 364 4.06 16.23 -6.24
N PHE E 365 5.07 17.09 -6.21
CA PHE E 365 5.21 18.03 -5.11
C PHE E 365 4.08 19.05 -5.11
N GLN E 366 3.58 19.43 -6.28
CA GLN E 366 2.40 20.29 -6.33
C GLN E 366 1.21 19.62 -5.66
N LYS E 367 1.01 18.33 -5.92
CA LYS E 367 -0.06 17.61 -5.24
C LYS E 367 0.18 17.57 -3.74
N ALA E 368 1.43 17.30 -3.33
CA ALA E 368 1.76 17.23 -1.92
C ALA E 368 1.44 18.54 -1.22
N PHE E 369 1.76 19.67 -1.85
CA PHE E 369 1.46 20.95 -1.24
C PHE E 369 -0.04 21.21 -1.22
N LEU E 370 -0.74 20.97 -2.33
CA LEU E 370 -2.16 21.31 -2.38
C LEU E 370 -3.00 20.43 -1.47
N LYS E 371 -2.50 19.27 -1.04
CA LYS E 371 -3.21 18.51 -0.03
C LYS E 371 -3.31 19.30 1.28
N ILE E 372 -2.22 19.98 1.66
CA ILE E 372 -2.18 20.78 2.87
C ILE E 372 -2.96 22.07 2.69
C06 VBU F . 29.08 33.27 0.17
C07 VBU F . 30.42 35.42 -0.03
C08 VBU F . 28.04 34.24 0.76
C09 VBU F . 29.13 36.14 0.38
C10 VBU F . 31.32 33.21 -1.50
C11 VBU F . 32.53 34.14 -2.06
C12 VBU F . 26.83 36.21 0.46
C13 VBU F . 32.87 33.89 -3.42
C14 VBU F . 31.81 30.97 -2.69
C15 VBU F . 32.35 31.46 -3.91
C16 VBU F . 33.30 35.15 -1.41
C17 VBU F . 33.96 34.66 -3.99
C18 VBU F . 34.33 35.90 -1.99
C19 VBU F . 32.00 29.56 -2.43
C20 VBU F . 34.66 35.64 -3.31
C21 VBU F . 33.05 30.53 -4.77
C22 VBU F . 32.67 28.71 -3.31
C23 VBU F . 33.22 29.19 -4.49
N02 VBU F . 30.30 33.95 -0.48
N03 VBU F . 27.94 35.44 -0.05
N04 VBU F . 31.12 31.96 -1.83
N05 VBU F . 32.18 32.86 -4.14
CL1 VBU F . 32.89 26.95 -2.96
#